data_7HIM
#
_entry.id   7HIM
#
_cell.length_a   87.840
_cell.length_b   87.840
_cell.length_c   85.880
_cell.angle_alpha   90.00
_cell.angle_beta   90.00
_cell.angle_gamma   120.00
#
_symmetry.space_group_name_H-M   'P 31'
#
loop_
_entity.id
_entity.type
_entity.pdbx_description
1 polymer 'Non-structural protein 3'
2 non-polymer 'DIMETHYL SULFOXIDE'
3 non-polymer 'CHLORIDE ION'
4 non-polymer '2-(2-oxopyridin-1(2H)-yl)ethyl 3-methyl-1H-pyrrolo[2,3-b]pyridine-5-carboxylate'
5 water water
#
_entity_poly.entity_id   1
_entity_poly.type   'polypeptide(L)'
_entity_poly.pdbx_seq_one_letter_code
;GAMAPSYRVKRMDIAKNDEECVVNAANPRGLPGDGVCKAVYKKWPESFKNSATPVGTAKTVMCGTYPVIHAVGPNFSNYT
ESEGDRELAAAYREVAKEVTRLGVNSVAIPLLSTGVYSGGKDRLTQSLNHLFTAMDSTDADVVIYCRDKEWEKKISEAIQ
MRT
;
_entity_poly.pdbx_strand_id   A,B,C,D
#
loop_
_chem_comp.id
_chem_comp.type
_chem_comp.name
_chem_comp.formula
A1BCG non-polymer '2-(2-oxopyridin-1(2H)-yl)ethyl 3-methyl-1H-pyrrolo[2,3-b]pyridine-5-carboxylate' 'C16 H15 N3 O3'
CL non-polymer 'CHLORIDE ION' 'Cl -1'
DMS non-polymer 'DIMETHYL SULFOXIDE' 'C2 H6 O S'
#
# COMPACT_ATOMS: atom_id res chain seq x y z
N GLY A 1 -9.60 -8.60 -20.84
CA GLY A 1 -9.06 -9.96 -20.85
C GLY A 1 -7.67 -10.03 -21.45
N ALA A 2 -6.96 -11.13 -21.18
CA ALA A 2 -5.61 -11.32 -21.73
C ALA A 2 -5.69 -11.56 -23.23
N MET A 3 -4.67 -11.12 -24.00
CA MET A 3 -4.68 -11.30 -25.46
C MET A 3 -4.67 -12.77 -25.92
N ALA A 4 -3.98 -13.63 -25.18
CA ALA A 4 -3.91 -15.06 -25.46
C ALA A 4 -4.03 -15.75 -24.11
N PRO A 5 -5.27 -15.85 -23.58
CA PRO A 5 -5.47 -16.43 -22.23
C PRO A 5 -4.72 -17.76 -22.00
N SER A 6 -3.95 -17.82 -20.90
CA SER A 6 -3.12 -18.98 -20.62
C SER A 6 -3.25 -19.50 -19.19
N TYR A 7 -2.70 -20.70 -18.93
CA TYR A 7 -2.53 -21.28 -17.60
C TYR A 7 -1.03 -21.45 -17.37
N ARG A 8 -0.58 -21.12 -16.17
CA ARG A 8 0.82 -21.31 -15.76
C ARG A 8 0.80 -21.83 -14.33
N VAL A 9 1.90 -22.47 -13.89
CA VAL A 9 2.01 -22.91 -12.51
C VAL A 9 3.35 -22.40 -11.93
N LYS A 10 3.34 -21.96 -10.66
CA LYS A 10 4.54 -21.51 -9.97
C LYS A 10 4.59 -22.14 -8.59
N ARG A 11 5.78 -22.55 -8.15
N ARG A 11 5.78 -22.57 -8.16
CA ARG A 11 5.94 -23.14 -6.84
CA ARG A 11 5.98 -23.15 -6.83
C ARG A 11 6.55 -22.10 -5.92
C ARG A 11 6.55 -22.08 -5.92
N MET A 12 5.67 -21.42 -5.16
CA MET A 12 6.04 -20.33 -4.26
C MET A 12 4.83 -19.87 -3.47
N ASP A 13 5.06 -18.99 -2.50
CA ASP A 13 4.01 -18.43 -1.66
C ASP A 13 3.11 -17.52 -2.49
N ILE A 14 1.81 -17.83 -2.53
CA ILE A 14 0.80 -17.03 -3.28
C ILE A 14 0.71 -15.59 -2.78
N ALA A 15 1.18 -15.30 -1.54
CA ALA A 15 1.20 -13.94 -1.01
C ALA A 15 2.19 -13.02 -1.77
N LYS A 16 3.14 -13.61 -2.55
CA LYS A 16 4.11 -12.89 -3.39
C LYS A 16 3.69 -12.89 -4.88
N ASN A 17 2.41 -13.19 -5.20
CA ASN A 17 1.98 -13.29 -6.59
C ASN A 17 2.18 -12.00 -7.40
N ASP A 18 2.27 -12.13 -8.72
CA ASP A 18 2.43 -10.99 -9.65
C ASP A 18 1.15 -10.83 -10.51
N GLU A 19 -0.03 -11.21 -9.95
CA GLU A 19 -1.31 -11.12 -10.67
C GLU A 19 -2.21 -9.98 -10.16
N GLU A 20 -3.26 -9.64 -10.91
CA GLU A 20 -4.16 -8.53 -10.56
C GLU A 20 -5.13 -8.78 -9.39
N CYS A 21 -5.26 -10.05 -8.99
CA CYS A 21 -6.09 -10.44 -7.84
C CYS A 21 -5.68 -11.83 -7.37
N VAL A 22 -6.12 -12.20 -6.17
CA VAL A 22 -5.77 -13.47 -5.58
C VAL A 22 -7.01 -14.20 -5.10
N VAL A 23 -6.98 -15.52 -5.17
CA VAL A 23 -8.03 -16.36 -4.60
C VAL A 23 -7.49 -16.93 -3.30
N ASN A 24 -8.20 -16.71 -2.19
CA ASN A 24 -7.82 -17.29 -0.91
C ASN A 24 -8.53 -18.67 -0.76
N ALA A 25 -7.84 -19.67 -0.21
CA ALA A 25 -8.44 -20.97 0.12
C ALA A 25 -8.97 -20.74 1.53
N ALA A 26 -10.15 -20.10 1.61
CA ALA A 26 -10.74 -19.62 2.85
C ALA A 26 -11.50 -20.69 3.69
N ASN A 27 -11.76 -20.36 4.98
CA ASN A 27 -12.65 -21.17 5.80
C ASN A 27 -14.00 -20.42 5.83
N PRO A 28 -15.11 -21.11 6.18
CA PRO A 28 -16.43 -20.44 6.12
C PRO A 28 -16.61 -19.29 7.08
N ARG A 29 -15.79 -19.21 8.15
CA ARG A 29 -15.98 -18.21 9.19
C ARG A 29 -15.13 -16.96 9.06
N GLY A 30 -14.31 -16.87 8.01
CA GLY A 30 -13.45 -15.70 7.80
C GLY A 30 -12.36 -15.60 8.85
N LEU A 31 -11.91 -16.74 9.39
CA LEU A 31 -10.85 -16.76 10.40
C LEU A 31 -9.45 -16.82 9.72
N PRO A 32 -8.36 -16.39 10.41
CA PRO A 32 -7.02 -16.47 9.80
C PRO A 32 -6.61 -17.85 9.29
N GLY A 33 -7.06 -18.90 9.94
CA GLY A 33 -6.81 -20.26 9.47
C GLY A 33 -5.37 -20.73 9.41
N ASP A 34 -5.07 -21.63 8.45
CA ASP A 34 -3.74 -22.23 8.26
C ASP A 34 -3.34 -22.24 6.78
N GLY A 35 -2.08 -22.60 6.49
CA GLY A 35 -1.59 -22.73 5.13
C GLY A 35 -1.74 -21.47 4.28
N VAL A 36 -2.36 -21.60 3.08
CA VAL A 36 -2.59 -20.47 2.18
C VAL A 36 -3.38 -19.36 2.90
N CYS A 37 -4.41 -19.75 3.66
CA CYS A 37 -5.27 -18.80 4.35
C CYS A 37 -4.50 -17.89 5.32
N LYS A 38 -3.58 -18.48 6.11
CA LYS A 38 -2.78 -17.71 7.08
C LYS A 38 -1.81 -16.76 6.34
N ALA A 39 -1.27 -17.20 5.18
CA ALA A 39 -0.37 -16.34 4.39
C ALA A 39 -1.15 -15.15 3.81
N VAL A 40 -2.39 -15.40 3.36
CA VAL A 40 -3.27 -14.37 2.83
C VAL A 40 -3.66 -13.38 3.95
N TYR A 41 -3.93 -13.91 5.17
CA TYR A 41 -4.24 -13.07 6.31
C TYR A 41 -3.07 -12.16 6.68
N LYS A 42 -1.83 -12.66 6.62
CA LYS A 42 -0.67 -11.82 6.98
C LYS A 42 -0.42 -10.71 5.93
N LYS A 43 -0.69 -11.02 4.65
CA LYS A 43 -0.46 -10.07 3.54
C LYS A 43 -1.59 -9.07 3.32
N TRP A 44 -2.85 -9.51 3.42
CA TRP A 44 -4.01 -8.67 3.18
C TRP A 44 -5.04 -8.82 4.35
N PRO A 45 -4.68 -8.43 5.59
CA PRO A 45 -5.61 -8.63 6.71
C PRO A 45 -6.93 -7.87 6.57
N GLU A 46 -6.86 -6.68 5.94
CA GLU A 46 -8.04 -5.82 5.72
C GLU A 46 -9.12 -6.54 4.89
N SER A 47 -8.70 -7.50 4.03
CA SER A 47 -9.64 -8.23 3.19
C SER A 47 -10.49 -9.24 4.01
N PHE A 48 -10.23 -9.40 5.32
CA PHE A 48 -11.01 -10.35 6.12
C PHE A 48 -12.21 -9.68 6.83
N LYS A 49 -12.50 -8.42 6.52
CA LYS A 49 -13.67 -7.75 7.10
C LYS A 49 -14.92 -8.32 6.42
N ASN A 50 -15.79 -9.00 7.18
CA ASN A 50 -17.01 -9.60 6.64
C ASN A 50 -16.74 -10.55 5.48
N SER A 51 -15.68 -11.35 5.60
CA SER A 51 -15.33 -12.31 4.52
C SER A 51 -16.00 -13.69 4.73
N ALA A 52 -16.65 -13.92 5.87
CA ALA A 52 -17.36 -15.19 6.18
C ALA A 52 -18.41 -15.47 5.09
N THR A 53 -18.46 -16.73 4.57
CA THR A 53 -19.32 -17.12 3.45
C THR A 53 -19.48 -18.65 3.50
N PRO A 54 -20.60 -19.22 2.99
CA PRO A 54 -20.79 -20.68 3.13
C PRO A 54 -19.85 -21.52 2.27
N VAL A 55 -19.76 -22.83 2.59
CA VAL A 55 -18.98 -23.76 1.77
C VAL A 55 -19.58 -23.79 0.34
N GLY A 56 -18.72 -23.86 -0.68
CA GLY A 56 -19.16 -23.87 -2.07
C GLY A 56 -19.40 -22.51 -2.68
N THR A 57 -19.05 -21.43 -1.97
CA THR A 57 -19.23 -20.06 -2.44
C THR A 57 -17.90 -19.27 -2.45
N ALA A 58 -17.91 -18.09 -3.10
CA ALA A 58 -16.78 -17.17 -3.09
C ALA A 58 -17.29 -15.77 -2.75
N LYS A 59 -16.52 -15.02 -1.97
CA LYS A 59 -16.90 -13.66 -1.59
C LYS A 59 -15.66 -12.79 -1.74
N THR A 60 -15.74 -11.72 -2.54
CA THR A 60 -14.58 -10.85 -2.75
C THR A 60 -14.61 -9.68 -1.80
N VAL A 61 -13.45 -9.39 -1.18
CA VAL A 61 -13.28 -8.22 -0.31
C VAL A 61 -11.99 -7.54 -0.76
N MET A 62 -12.04 -6.22 -0.94
N MET A 62 -12.05 -6.23 -0.99
CA MET A 62 -10.91 -5.43 -1.40
CA MET A 62 -10.86 -5.48 -1.41
C MET A 62 -9.94 -5.09 -0.27
C MET A 62 -9.91 -5.28 -0.23
N CYS A 63 -8.63 -5.16 -0.54
CA CYS A 63 -7.61 -4.72 0.42
C CYS A 63 -7.03 -3.52 -0.37
N GLY A 64 -7.49 -2.30 -0.05
CA GLY A 64 -7.15 -1.12 -0.85
C GLY A 64 -7.93 -1.24 -2.15
N THR A 65 -7.25 -1.35 -3.29
CA THR A 65 -7.93 -1.65 -4.58
C THR A 65 -7.62 -3.10 -5.07
N TYR A 66 -6.91 -3.90 -4.26
CA TYR A 66 -6.50 -5.25 -4.67
C TYR A 66 -7.57 -6.25 -4.24
N PRO A 67 -8.21 -6.97 -5.19
CA PRO A 67 -9.28 -7.90 -4.80
C PRO A 67 -8.78 -9.22 -4.24
N VAL A 68 -9.36 -9.65 -3.11
CA VAL A 68 -9.09 -10.96 -2.52
C VAL A 68 -10.40 -11.71 -2.61
N ILE A 69 -10.41 -12.80 -3.39
CA ILE A 69 -11.61 -13.62 -3.59
C ILE A 69 -11.54 -14.78 -2.61
N HIS A 70 -12.35 -14.74 -1.54
CA HIS A 70 -12.35 -15.80 -0.54
C HIS A 70 -13.19 -16.97 -1.04
N ALA A 71 -12.57 -18.07 -1.45
CA ALA A 71 -13.30 -19.25 -1.98
C ALA A 71 -13.29 -20.36 -0.95
N VAL A 72 -14.49 -20.85 -0.55
CA VAL A 72 -14.59 -21.85 0.51
C VAL A 72 -14.86 -23.25 -0.05
N GLY A 73 -13.80 -24.04 -0.15
CA GLY A 73 -13.93 -25.43 -0.55
C GLY A 73 -14.36 -26.28 0.64
N PRO A 74 -14.91 -27.46 0.36
CA PRO A 74 -15.37 -28.33 1.46
C PRO A 74 -14.21 -28.98 2.23
N ASN A 75 -14.44 -29.28 3.52
CA ASN A 75 -13.46 -30.07 4.28
C ASN A 75 -13.93 -31.54 4.11
N PHE A 76 -13.16 -32.33 3.36
CA PHE A 76 -13.50 -33.73 3.08
C PHE A 76 -13.48 -34.64 4.33
N SER A 77 -13.02 -34.15 5.48
CA SER A 77 -13.14 -34.89 6.73
C SER A 77 -14.63 -34.89 7.17
N ASN A 78 -15.40 -33.84 6.79
CA ASN A 78 -16.80 -33.69 7.19
C ASN A 78 -17.80 -34.10 6.12
N TYR A 79 -17.45 -33.87 4.85
CA TYR A 79 -18.35 -34.17 3.73
C TYR A 79 -18.12 -35.58 3.20
N THR A 80 -19.18 -36.17 2.59
CA THR A 80 -19.02 -37.43 1.87
C THR A 80 -18.23 -37.12 0.55
N GLU A 81 -17.68 -38.15 -0.11
CA GLU A 81 -16.98 -37.92 -1.38
C GLU A 81 -17.89 -37.28 -2.44
N SER A 82 -19.14 -37.73 -2.52
CA SER A 82 -20.09 -37.22 -3.50
C SER A 82 -20.46 -35.74 -3.25
N GLU A 83 -20.86 -35.37 -2.02
CA GLU A 83 -21.26 -34.00 -1.73
C GLU A 83 -20.06 -33.06 -1.66
N GLY A 84 -18.92 -33.57 -1.22
CA GLY A 84 -17.69 -32.77 -1.18
C GLY A 84 -17.26 -32.43 -2.60
N ASP A 85 -17.34 -33.41 -3.51
CA ASP A 85 -17.02 -33.17 -4.91
C ASP A 85 -17.93 -32.08 -5.51
N ARG A 86 -19.24 -32.13 -5.22
CA ARG A 86 -20.20 -31.14 -5.72
C ARG A 86 -19.89 -29.71 -5.17
N GLU A 87 -19.58 -29.60 -3.86
CA GLU A 87 -19.22 -28.31 -3.25
C GLU A 87 -17.90 -27.75 -3.80
N LEU A 88 -16.94 -28.62 -4.10
CA LEU A 88 -15.64 -28.20 -4.62
C LEU A 88 -15.81 -27.62 -6.02
N ALA A 89 -16.61 -28.31 -6.87
CA ALA A 89 -16.89 -27.81 -8.21
C ALA A 89 -17.62 -26.44 -8.14
N ALA A 90 -18.58 -26.30 -7.19
CA ALA A 90 -19.35 -25.07 -7.01
C ALA A 90 -18.46 -23.90 -6.58
N ALA A 91 -17.51 -24.11 -5.64
CA ALA A 91 -16.60 -23.04 -5.21
C ALA A 91 -15.83 -22.48 -6.42
N TYR A 92 -15.31 -23.37 -7.30
CA TYR A 92 -14.59 -22.90 -8.48
C TYR A 92 -15.48 -22.13 -9.45
N ARG A 93 -16.75 -22.58 -9.66
N ARG A 93 -16.75 -22.57 -9.66
CA ARG A 93 -17.67 -21.86 -10.54
CA ARG A 93 -17.67 -21.85 -10.55
C ARG A 93 -17.90 -20.42 -10.01
C ARG A 93 -17.90 -20.41 -10.02
N GLU A 94 -18.00 -20.25 -8.69
CA GLU A 94 -18.18 -18.93 -8.08
C GLU A 94 -16.91 -18.08 -8.23
N VAL A 95 -15.71 -18.70 -8.20
CA VAL A 95 -14.45 -17.98 -8.46
C VAL A 95 -14.48 -17.43 -9.91
N ALA A 96 -14.88 -18.27 -10.89
CA ALA A 96 -14.95 -17.80 -12.29
C ALA A 96 -15.91 -16.61 -12.46
N LYS A 97 -17.07 -16.63 -11.79
CA LYS A 97 -18.01 -15.52 -11.86
C LYS A 97 -17.35 -14.23 -11.29
N GLU A 98 -16.66 -14.36 -10.15
CA GLU A 98 -16.02 -13.19 -9.49
C GLU A 98 -14.90 -12.61 -10.32
N VAL A 99 -14.04 -13.46 -10.89
CA VAL A 99 -12.95 -13.02 -11.76
C VAL A 99 -13.53 -12.26 -12.98
N THR A 100 -14.62 -12.78 -13.55
CA THR A 100 -15.25 -12.13 -14.71
C THR A 100 -15.83 -10.74 -14.30
N ARG A 101 -16.58 -10.71 -13.21
CA ARG A 101 -17.21 -9.48 -12.68
C ARG A 101 -16.16 -8.38 -12.41
N LEU A 102 -15.01 -8.77 -11.85
CA LEU A 102 -13.92 -7.83 -11.53
C LEU A 102 -13.24 -7.23 -12.77
N GLY A 103 -13.31 -7.90 -13.91
CA GLY A 103 -12.71 -7.40 -15.15
C GLY A 103 -11.19 -7.52 -15.18
N VAL A 104 -10.60 -8.32 -14.26
CA VAL A 104 -9.15 -8.48 -14.17
C VAL A 104 -8.59 -9.26 -15.40
N ASN A 105 -7.33 -8.99 -15.74
CA ASN A 105 -6.63 -9.69 -16.83
C ASN A 105 -5.80 -10.89 -16.33
N SER A 106 -5.62 -11.02 -14.99
CA SER A 106 -4.88 -12.14 -14.40
C SER A 106 -5.38 -12.45 -12.97
N VAL A 107 -5.21 -13.71 -12.57
CA VAL A 107 -5.63 -14.15 -11.23
C VAL A 107 -4.66 -15.23 -10.71
N ALA A 108 -4.28 -15.12 -9.41
CA ALA A 108 -3.42 -16.11 -8.73
C ALA A 108 -4.40 -17.05 -7.97
N ILE A 109 -4.29 -18.37 -8.20
N ILE A 109 -4.32 -18.36 -8.23
CA ILE A 109 -5.22 -19.30 -7.56
CA ILE A 109 -5.25 -19.32 -7.59
C ILE A 109 -4.53 -20.51 -6.94
C ILE A 109 -4.53 -20.50 -6.94
N PRO A 110 -4.91 -20.90 -5.72
CA PRO A 110 -4.36 -22.16 -5.14
C PRO A 110 -5.32 -23.36 -5.47
N LEU A 111 -4.89 -24.62 -5.27
CA LEU A 111 -5.78 -25.77 -5.49
C LEU A 111 -6.63 -25.99 -4.22
N LEU A 112 -7.91 -25.61 -4.31
CA LEU A 112 -8.85 -25.73 -3.18
C LEU A 112 -8.99 -27.16 -2.68
N SER A 113 -9.17 -27.30 -1.36
CA SER A 113 -9.37 -28.57 -0.66
C SER A 113 -8.23 -29.59 -0.83
N THR A 114 -7.00 -29.12 -1.10
CA THR A 114 -5.86 -30.04 -1.26
C THR A 114 -4.93 -30.08 -0.04
N GLY A 115 -5.12 -29.16 0.90
CA GLY A 115 -4.30 -29.13 2.13
C GLY A 115 -5.02 -29.79 3.29
N VAL A 116 -5.22 -29.05 4.40
CA VAL A 116 -5.87 -29.62 5.58
C VAL A 116 -7.35 -30.02 5.34
N TYR A 117 -7.98 -29.48 4.27
CA TYR A 117 -9.36 -29.90 3.95
C TYR A 117 -9.42 -31.13 3.02
N SER A 118 -8.27 -31.76 2.69
CA SER A 118 -8.27 -32.92 1.80
C SER A 118 -8.78 -34.22 2.44
N GLY A 119 -8.89 -34.26 3.77
CA GLY A 119 -9.29 -35.50 4.45
C GLY A 119 -8.22 -36.58 4.36
N GLY A 120 -6.95 -36.16 4.25
CA GLY A 120 -5.80 -37.04 4.16
C GLY A 120 -5.63 -37.73 2.80
N LYS A 121 -6.27 -37.21 1.75
CA LYS A 121 -6.22 -37.82 0.44
C LYS A 121 -5.52 -36.92 -0.58
N ASP A 122 -4.89 -37.50 -1.63
CA ASP A 122 -4.26 -36.72 -2.70
C ASP A 122 -5.38 -36.29 -3.64
N ARG A 123 -5.70 -34.98 -3.69
CA ARG A 123 -6.79 -34.46 -4.52
C ARG A 123 -6.31 -33.51 -5.61
N LEU A 124 -5.03 -33.63 -6.05
CA LEU A 124 -4.48 -32.77 -7.10
C LEU A 124 -5.34 -32.81 -8.37
N THR A 125 -5.57 -34.01 -8.92
CA THR A 125 -6.29 -34.15 -10.19
C THR A 125 -7.72 -33.71 -10.03
N GLN A 126 -8.37 -34.13 -8.95
CA GLN A 126 -9.78 -33.73 -8.70
C GLN A 126 -9.93 -32.19 -8.65
N SER A 127 -9.12 -31.52 -7.82
CA SER A 127 -9.21 -30.08 -7.66
C SER A 127 -8.82 -29.33 -8.94
N LEU A 128 -7.72 -29.73 -9.59
CA LEU A 128 -7.24 -29.09 -10.83
C LEU A 128 -8.26 -29.23 -11.95
N ASN A 129 -8.91 -30.40 -12.10
CA ASN A 129 -9.90 -30.58 -13.16
C ASN A 129 -11.13 -29.67 -12.91
N HIS A 130 -11.54 -29.48 -11.64
CA HIS A 130 -12.66 -28.57 -11.35
C HIS A 130 -12.22 -27.10 -11.60
N LEU A 131 -10.95 -26.79 -11.37
CA LEU A 131 -10.41 -25.45 -11.65
C LEU A 131 -10.53 -25.20 -13.18
N PHE A 132 -10.05 -26.13 -13.99
CA PHE A 132 -10.15 -26.03 -15.45
C PHE A 132 -11.59 -25.93 -15.91
N THR A 133 -12.49 -26.76 -15.37
CA THR A 133 -13.91 -26.74 -15.78
C THR A 133 -14.54 -25.35 -15.60
N ALA A 134 -14.21 -24.69 -14.46
CA ALA A 134 -14.73 -23.36 -14.20
C ALA A 134 -14.00 -22.25 -14.98
N MET A 135 -12.65 -22.27 -15.02
CA MET A 135 -11.88 -21.17 -15.59
C MET A 135 -11.71 -21.19 -17.12
N ASP A 136 -11.96 -22.34 -17.79
CA ASP A 136 -11.73 -22.45 -19.23
C ASP A 136 -12.53 -21.40 -20.03
N SER A 137 -13.75 -21.06 -19.59
CA SER A 137 -14.56 -20.07 -20.32
C SER A 137 -14.21 -18.61 -19.99
N THR A 138 -13.26 -18.37 -19.07
CA THR A 138 -12.84 -17.00 -18.76
C THR A 138 -11.65 -16.61 -19.65
N ASP A 139 -11.38 -15.30 -19.81
CA ASP A 139 -10.22 -14.89 -20.61
C ASP A 139 -9.08 -14.30 -19.76
N ALA A 140 -9.09 -14.54 -18.44
CA ALA A 140 -8.00 -14.06 -17.58
C ALA A 140 -6.79 -15.03 -17.68
N ASP A 141 -5.56 -14.50 -17.53
CA ASP A 141 -4.39 -15.36 -17.41
C ASP A 141 -4.45 -15.98 -16.00
N VAL A 142 -4.44 -17.31 -15.91
CA VAL A 142 -4.55 -17.98 -14.60
C VAL A 142 -3.18 -18.48 -14.17
N VAL A 143 -2.74 -18.14 -12.95
CA VAL A 143 -1.46 -18.63 -12.45
C VAL A 143 -1.74 -19.44 -11.19
N ILE A 144 -1.51 -20.75 -11.26
CA ILE A 144 -1.75 -21.67 -10.16
C ILE A 144 -0.54 -21.70 -9.26
N TYR A 145 -0.75 -21.58 -7.94
CA TYR A 145 0.37 -21.60 -6.99
C TYR A 145 0.38 -22.89 -6.19
N CYS A 146 1.55 -23.49 -5.98
CA CYS A 146 1.67 -24.71 -5.19
C CYS A 146 2.96 -24.64 -4.36
N ARG A 147 3.18 -25.60 -3.44
CA ARG A 147 4.40 -25.57 -2.63
C ARG A 147 5.27 -26.82 -2.80
N ASP A 148 4.67 -27.94 -3.27
CA ASP A 148 5.40 -29.19 -3.40
C ASP A 148 6.04 -29.37 -4.79
N LYS A 149 7.30 -29.84 -4.85
CA LYS A 149 8.02 -30.00 -6.12
C LYS A 149 7.37 -31.01 -7.09
N GLU A 150 6.89 -32.14 -6.55
CA GLU A 150 6.25 -33.16 -7.38
C GLU A 150 4.88 -32.65 -7.87
N TRP A 151 4.17 -31.90 -7.04
CA TRP A 151 2.89 -31.31 -7.47
C TRP A 151 3.11 -30.28 -8.57
N GLU A 152 4.17 -29.46 -8.48
CA GLU A 152 4.50 -28.48 -9.54
C GLU A 152 4.67 -29.19 -10.91
N LYS A 153 5.41 -30.29 -10.91
CA LYS A 153 5.66 -31.09 -12.12
C LYS A 153 4.34 -31.65 -12.68
N LYS A 154 3.47 -32.23 -11.82
CA LYS A 154 2.18 -32.81 -12.22
C LYS A 154 1.18 -31.78 -12.74
N ILE A 155 1.12 -30.61 -12.11
CA ILE A 155 0.24 -29.53 -12.59
C ILE A 155 0.77 -29.02 -13.94
N SER A 156 2.09 -28.85 -14.06
CA SER A 156 2.69 -28.39 -15.32
C SER A 156 2.41 -29.38 -16.46
N GLU A 157 2.52 -30.68 -16.19
CA GLU A 157 2.24 -31.72 -17.19
C GLU A 157 0.77 -31.65 -17.64
N ALA A 158 -0.16 -31.49 -16.69
CA ALA A 158 -1.58 -31.41 -17.01
C ALA A 158 -1.88 -30.16 -17.86
N ILE A 159 -1.23 -29.02 -17.55
CA ILE A 159 -1.44 -27.82 -18.36
C ILE A 159 -0.93 -28.05 -19.80
N GLN A 160 0.32 -28.55 -19.94
CA GLN A 160 0.92 -28.73 -21.26
C GLN A 160 0.22 -29.77 -22.12
N MET A 161 -0.36 -30.82 -21.51
CA MET A 161 -1.09 -31.88 -22.22
C MET A 161 -2.23 -31.32 -23.08
N ARG A 162 -2.92 -30.28 -22.58
CA ARG A 162 -4.07 -29.72 -23.29
C ARG A 162 -3.72 -28.72 -24.40
N THR A 163 -2.46 -28.23 -24.44
CA THR A 163 -2.05 -27.27 -25.45
C THR A 163 -1.61 -27.92 -26.77
N GLY B 1 22.70 -1.46 -26.25
CA GLY B 1 23.52 -0.78 -25.27
C GLY B 1 23.06 0.63 -24.96
N ALA B 2 23.51 1.19 -23.85
CA ALA B 2 23.11 2.54 -23.45
C ALA B 2 23.77 3.57 -24.37
N MET B 3 23.07 4.69 -24.71
CA MET B 3 23.62 5.70 -25.61
C MET B 3 24.92 6.33 -25.13
N ALA B 4 25.07 6.48 -23.82
CA ALA B 4 26.30 6.99 -23.21
C ALA B 4 26.50 6.12 -21.97
N PRO B 5 27.07 4.90 -22.14
CA PRO B 5 27.20 3.98 -20.98
C PRO B 5 27.78 4.63 -19.72
N SER B 6 27.09 4.47 -18.59
CA SER B 6 27.51 5.11 -17.36
C SER B 6 27.53 4.16 -16.14
N TYR B 7 28.11 4.62 -15.04
CA TYR B 7 28.03 4.00 -13.72
C TYR B 7 27.31 5.00 -12.80
N ARG B 8 26.41 4.48 -11.95
CA ARG B 8 25.65 5.27 -10.98
C ARG B 8 25.58 4.46 -9.70
N VAL B 9 25.37 5.13 -8.56
CA VAL B 9 25.22 4.42 -7.28
C VAL B 9 23.88 4.83 -6.65
N LYS B 10 23.17 3.89 -6.01
CA LYS B 10 21.91 4.21 -5.32
C LYS B 10 21.97 3.54 -3.96
N ARG B 11 21.58 4.26 -2.91
CA ARG B 11 21.52 3.71 -1.55
C ARG B 11 20.09 3.28 -1.27
N MET B 12 19.77 2.01 -1.57
CA MET B 12 18.41 1.48 -1.39
C MET B 12 18.41 -0.03 -1.64
N ASP B 13 17.28 -0.69 -1.34
CA ASP B 13 17.08 -2.12 -1.52
C ASP B 13 17.10 -2.45 -3.02
N ILE B 14 18.04 -3.32 -3.43
CA ILE B 14 18.18 -3.74 -4.84
C ILE B 14 16.92 -4.46 -5.38
N ALA B 15 16.03 -4.95 -4.48
CA ALA B 15 14.77 -5.56 -4.91
C ALA B 15 13.79 -4.53 -5.53
N LYS B 16 14.02 -3.21 -5.30
CA LYS B 16 13.24 -2.11 -5.87
C LYS B 16 13.94 -1.44 -7.06
N ASN B 17 14.96 -2.09 -7.65
CA ASN B 17 15.71 -1.50 -8.75
C ASN B 17 14.82 -1.13 -9.95
N ASP B 18 15.26 -0.15 -10.74
CA ASP B 18 14.54 0.30 -11.95
C ASP B 18 15.32 -0.14 -13.23
N GLU B 19 16.16 -1.20 -13.12
CA GLU B 19 16.98 -1.67 -14.23
C GLU B 19 16.39 -2.88 -14.96
N GLU B 20 16.95 -3.24 -16.12
CA GLU B 20 16.43 -4.35 -16.94
C GLU B 20 16.75 -5.74 -16.43
N CYS B 21 17.67 -5.85 -15.45
CA CYS B 21 18.01 -7.11 -14.82
C CYS B 21 18.73 -6.83 -13.50
N VAL B 22 18.81 -7.87 -12.65
CA VAL B 22 19.41 -7.75 -11.35
C VAL B 22 20.47 -8.82 -11.14
N VAL B 23 21.54 -8.47 -10.42
CA VAL B 23 22.56 -9.43 -10.04
C VAL B 23 22.32 -9.75 -8.56
N ASN B 24 22.10 -11.01 -8.23
CA ASN B 24 21.93 -11.44 -6.84
C ASN B 24 23.34 -11.78 -6.30
N ALA B 25 23.63 -11.41 -5.04
CA ALA B 25 24.86 -11.81 -4.34
C ALA B 25 24.47 -13.15 -3.74
N ALA B 26 24.57 -14.20 -4.55
CA ALA B 26 24.07 -15.52 -4.22
C ALA B 26 25.04 -16.40 -3.38
N ASN B 27 24.49 -17.48 -2.77
CA ASN B 27 25.31 -18.50 -2.16
C ASN B 27 25.36 -19.68 -3.18
N PRO B 28 26.33 -20.59 -3.04
CA PRO B 28 26.47 -21.67 -4.05
C PRO B 28 25.31 -22.66 -4.12
N ARG B 29 24.47 -22.72 -3.09
CA ARG B 29 23.40 -23.72 -3.03
C ARG B 29 22.02 -23.23 -3.41
N GLY B 30 21.89 -21.97 -3.82
CA GLY B 30 20.59 -21.42 -4.20
C GLY B 30 19.64 -21.31 -3.01
N LEU B 31 20.19 -21.06 -1.80
CA LEU B 31 19.41 -20.92 -0.57
C LEU B 31 19.01 -19.44 -0.36
N PRO B 32 17.96 -19.14 0.44
CA PRO B 32 17.54 -17.73 0.65
C PRO B 32 18.62 -16.79 1.19
N GLY B 33 19.50 -17.30 2.04
CA GLY B 33 20.64 -16.52 2.53
C GLY B 33 20.35 -15.28 3.35
N ASP B 34 21.24 -14.29 3.27
CA ASP B 34 21.13 -13.04 4.05
C ASP B 34 21.37 -11.80 3.18
N GLY B 35 21.14 -10.61 3.75
CA GLY B 35 21.36 -9.33 3.06
C GLY B 35 20.65 -9.22 1.72
N VAL B 36 21.42 -8.90 0.66
CA VAL B 36 20.87 -8.78 -0.69
C VAL B 36 20.14 -10.06 -1.13
N CYS B 37 20.73 -11.21 -0.86
CA CYS B 37 20.16 -12.50 -1.25
C CYS B 37 18.76 -12.72 -0.68
N LYS B 38 18.55 -12.39 0.60
CA LYS B 38 17.25 -12.56 1.25
C LYS B 38 16.21 -11.58 0.65
N ALA B 39 16.64 -10.37 0.28
CA ALA B 39 15.74 -9.39 -0.35
C ALA B 39 15.35 -9.85 -1.75
N VAL B 40 16.30 -10.46 -2.50
CA VAL B 40 16.05 -11.01 -3.83
C VAL B 40 15.08 -12.20 -3.71
N TYR B 41 15.25 -13.03 -2.67
CA TYR B 41 14.37 -14.18 -2.42
C TYR B 41 12.95 -13.74 -2.11
N LYS B 42 12.79 -12.62 -1.39
CA LYS B 42 11.48 -12.08 -0.99
C LYS B 42 10.66 -11.66 -2.22
N LYS B 43 11.32 -11.17 -3.29
CA LYS B 43 10.58 -10.77 -4.50
C LYS B 43 10.56 -11.84 -5.61
N TRP B 44 11.73 -12.39 -5.93
CA TRP B 44 11.83 -13.36 -7.01
C TRP B 44 12.18 -14.79 -6.48
N PRO B 45 11.37 -15.45 -5.57
CA PRO B 45 11.79 -16.77 -5.07
C PRO B 45 11.85 -17.86 -6.13
N GLU B 46 10.98 -17.78 -7.14
CA GLU B 46 10.99 -18.73 -8.24
C GLU B 46 12.27 -18.60 -9.10
N SER B 47 13.01 -17.48 -8.96
CA SER B 47 14.31 -17.36 -9.63
C SER B 47 15.36 -18.27 -8.97
N PHE B 48 15.04 -18.86 -7.79
CA PHE B 48 15.96 -19.76 -7.12
C PHE B 48 15.79 -21.23 -7.59
N LYS B 49 14.87 -21.50 -8.54
CA LYS B 49 14.68 -22.85 -9.05
C LYS B 49 15.93 -23.26 -9.82
N ASN B 50 16.66 -24.26 -9.31
CA ASN B 50 17.91 -24.74 -9.90
C ASN B 50 18.94 -23.61 -10.12
N SER B 51 19.05 -22.70 -9.15
CA SER B 51 20.00 -21.58 -9.26
C SER B 51 21.38 -21.93 -8.64
N ALA B 52 21.52 -23.12 -7.99
CA ALA B 52 22.79 -23.56 -7.39
C ALA B 52 23.90 -23.57 -8.45
N THR B 53 25.07 -22.97 -8.12
CA THR B 53 26.19 -22.80 -9.06
C THR B 53 27.48 -22.62 -8.24
N PRO B 54 28.65 -23.01 -8.76
CA PRO B 54 29.87 -22.93 -7.94
C PRO B 54 30.34 -21.51 -7.66
N VAL B 55 31.23 -21.37 -6.65
CA VAL B 55 31.86 -20.07 -6.35
C VAL B 55 32.65 -19.61 -7.59
N GLY B 56 32.61 -18.33 -7.87
CA GLY B 56 33.31 -17.76 -9.01
C GLY B 56 32.52 -17.80 -10.31
N THR B 57 31.23 -18.22 -10.26
CA THR B 57 30.38 -18.32 -11.44
C THR B 57 29.10 -17.50 -11.30
N ALA B 58 28.37 -17.33 -12.42
CA ALA B 58 27.07 -16.68 -12.43
C ALA B 58 26.08 -17.59 -13.20
N LYS B 59 24.85 -17.69 -12.72
CA LYS B 59 23.82 -18.49 -13.39
C LYS B 59 22.56 -17.65 -13.44
N THR B 60 22.02 -17.43 -14.64
CA THR B 60 20.83 -16.60 -14.80
C THR B 60 19.57 -17.48 -14.80
N VAL B 61 18.53 -17.07 -14.04
CA VAL B 61 17.22 -17.73 -14.06
C VAL B 61 16.20 -16.64 -14.41
N MET B 62 15.40 -16.82 -15.50
CA MET B 62 14.42 -15.85 -15.95
C MET B 62 13.14 -15.97 -15.17
N CYS B 63 12.54 -14.82 -14.84
CA CYS B 63 11.24 -14.78 -14.19
C CYS B 63 10.41 -14.08 -15.23
N GLY B 64 9.80 -14.84 -16.14
CA GLY B 64 9.11 -14.28 -17.29
C GLY B 64 10.19 -13.75 -18.23
N THR B 65 10.19 -12.43 -18.44
CA THR B 65 11.23 -11.79 -19.24
C THR B 65 12.27 -11.05 -18.35
N TYR B 66 12.19 -11.16 -17.00
CA TYR B 66 13.12 -10.45 -16.13
C TYR B 66 14.24 -11.36 -15.67
N PRO B 67 15.48 -11.08 -16.07
CA PRO B 67 16.60 -11.93 -15.66
C PRO B 67 17.16 -11.66 -14.26
N VAL B 68 17.39 -12.74 -13.48
CA VAL B 68 18.05 -12.66 -12.17
C VAL B 68 19.36 -13.42 -12.37
N ILE B 69 20.48 -12.72 -12.29
CA ILE B 69 21.82 -13.29 -12.48
C ILE B 69 22.37 -13.63 -11.11
N HIS B 70 22.38 -14.91 -10.75
CA HIS B 70 22.91 -15.33 -9.45
C HIS B 70 24.44 -15.40 -9.51
N ALA B 71 25.14 -14.43 -8.91
CA ALA B 71 26.61 -14.41 -8.93
C ALA B 71 27.17 -14.85 -7.57
N VAL B 72 28.02 -15.88 -7.57
CA VAL B 72 28.53 -16.44 -6.32
C VAL B 72 29.97 -15.99 -6.01
N GLY B 73 30.10 -15.01 -5.11
CA GLY B 73 31.39 -14.54 -4.67
C GLY B 73 31.90 -15.46 -3.57
N PRO B 74 33.22 -15.45 -3.33
CA PRO B 74 33.77 -16.33 -2.28
C PRO B 74 33.45 -15.85 -0.86
N ASN B 75 33.39 -16.79 0.09
CA ASN B 75 33.26 -16.44 1.50
C ASN B 75 34.70 -16.38 2.02
N PHE B 76 35.19 -15.17 2.35
CA PHE B 76 36.56 -14.97 2.82
C PHE B 76 36.83 -15.60 4.22
N SER B 77 35.80 -16.11 4.90
CA SER B 77 36.02 -16.88 6.12
C SER B 77 36.62 -18.27 5.74
N ASN B 78 36.32 -18.78 4.52
CA ASN B 78 36.80 -20.08 4.04
C ASN B 78 37.98 -20.01 3.10
N TYR B 79 38.00 -19.00 2.22
CA TYR B 79 39.07 -18.83 1.24
C TYR B 79 40.23 -18.03 1.80
N THR B 80 41.45 -18.30 1.31
CA THR B 80 42.60 -17.47 1.67
C THR B 80 42.44 -16.11 0.92
N GLU B 81 43.22 -15.08 1.30
CA GLU B 81 43.14 -13.81 0.57
C GLU B 81 43.49 -13.98 -0.93
N SER B 82 44.51 -14.80 -1.22
CA SER B 82 44.91 -15.04 -2.61
C SER B 82 43.81 -15.74 -3.44
N GLU B 83 43.31 -16.89 -2.95
CA GLU B 83 42.31 -17.65 -3.71
C GLU B 83 40.98 -16.92 -3.79
N GLY B 84 40.61 -16.22 -2.72
CA GLY B 84 39.39 -15.43 -2.69
C GLY B 84 39.44 -14.27 -3.67
N ASP B 85 40.61 -13.61 -3.80
CA ASP B 85 40.74 -12.50 -4.75
C ASP B 85 40.48 -12.97 -6.19
N ARG B 86 40.98 -14.17 -6.52
CA ARG B 86 40.81 -14.76 -7.86
C ARG B 86 39.33 -15.15 -8.09
N GLU B 87 38.65 -15.75 -7.09
CA GLU B 87 37.24 -16.12 -7.24
C GLU B 87 36.32 -14.91 -7.34
N LEU B 88 36.65 -13.84 -6.63
CA LEU B 88 35.83 -12.61 -6.65
C LEU B 88 35.95 -11.96 -8.04
N ALA B 89 37.18 -11.88 -8.58
CA ALA B 89 37.38 -11.36 -9.95
C ALA B 89 36.60 -12.21 -10.98
N ALA B 90 36.65 -13.55 -10.85
CA ALA B 90 35.97 -14.50 -11.74
C ALA B 90 34.46 -14.32 -11.71
N ALA B 91 33.85 -14.19 -10.51
CA ALA B 91 32.38 -14.00 -10.40
C ALA B 91 31.95 -12.76 -11.20
N TYR B 92 32.69 -11.65 -11.05
CA TYR B 92 32.34 -10.43 -11.81
C TYR B 92 32.53 -10.60 -13.33
N ARG B 93 33.58 -11.29 -13.77
CA ARG B 93 33.77 -11.56 -15.20
C ARG B 93 32.58 -12.37 -15.78
N GLU B 94 32.05 -13.35 -15.02
N GLU B 94 32.06 -13.33 -15.02
CA GLU B 94 30.88 -14.13 -15.47
CA GLU B 94 30.90 -14.11 -15.46
C GLU B 94 29.63 -13.25 -15.50
C GLU B 94 29.63 -13.25 -15.49
N VAL B 95 29.53 -12.26 -14.58
CA VAL B 95 28.38 -11.33 -14.60
C VAL B 95 28.47 -10.50 -15.92
N ALA B 96 29.68 -9.99 -16.27
CA ALA B 96 29.84 -9.21 -17.52
C ALA B 96 29.45 -10.02 -18.75
N LYS B 97 29.84 -11.32 -18.81
CA LYS B 97 29.44 -12.18 -19.92
C LYS B 97 27.92 -12.33 -20.00
N GLU B 98 27.26 -12.55 -18.84
CA GLU B 98 25.81 -12.72 -18.78
C GLU B 98 25.06 -11.46 -19.19
N VAL B 99 25.50 -10.31 -18.70
CA VAL B 99 24.90 -9.02 -19.07
C VAL B 99 25.00 -8.79 -20.59
N THR B 100 26.14 -9.12 -21.17
CA THR B 100 26.33 -8.97 -22.62
C THR B 100 25.40 -9.93 -23.39
N ARG B 101 25.39 -11.19 -23.00
CA ARG B 101 24.55 -12.24 -23.62
C ARG B 101 23.06 -11.86 -23.60
N LEU B 102 22.60 -11.31 -22.47
CA LEU B 102 21.20 -10.93 -22.30
C LEU B 102 20.75 -9.76 -23.18
N GLY B 103 21.70 -8.94 -23.64
CA GLY B 103 21.42 -7.78 -24.50
C GLY B 103 20.73 -6.63 -23.77
N VAL B 104 20.78 -6.63 -22.43
CA VAL B 104 20.16 -5.60 -21.62
C VAL B 104 20.88 -4.25 -21.76
N ASN B 105 20.13 -3.16 -21.59
CA ASN B 105 20.66 -1.80 -21.63
C ASN B 105 21.05 -1.27 -20.22
N SER B 106 20.65 -1.98 -19.17
CA SER B 106 20.96 -1.62 -17.79
C SER B 106 20.96 -2.84 -16.88
N VAL B 107 21.70 -2.73 -15.77
CA VAL B 107 21.82 -3.81 -14.79
C VAL B 107 22.01 -3.23 -13.38
N ALA B 108 21.32 -3.83 -12.38
CA ALA B 108 21.43 -3.46 -10.97
C ALA B 108 22.43 -4.47 -10.36
N ILE B 109 23.50 -3.98 -9.72
N ILE B 109 23.53 -3.98 -9.75
CA ILE B 109 24.51 -4.88 -9.15
CA ILE B 109 24.54 -4.88 -9.18
C ILE B 109 24.92 -4.52 -7.73
C ILE B 109 24.92 -4.52 -7.74
N PRO B 110 25.04 -5.52 -6.83
CA PRO B 110 25.53 -5.23 -5.48
C PRO B 110 27.07 -5.45 -5.39
N LEU B 111 27.72 -5.05 -4.28
CA LEU B 111 29.17 -5.30 -4.14
C LEU B 111 29.35 -6.71 -3.54
N LEU B 112 29.76 -7.67 -4.37
CA LEU B 112 29.93 -9.06 -3.98
C LEU B 112 31.00 -9.22 -2.88
N SER B 113 30.76 -10.17 -1.97
CA SER B 113 31.64 -10.52 -0.84
C SER B 113 31.89 -9.37 0.15
N THR B 114 30.97 -8.39 0.23
CA THR B 114 31.17 -7.28 1.18
C THR B 114 30.33 -7.39 2.46
N GLY B 115 29.39 -8.33 2.50
CA GLY B 115 28.55 -8.55 3.68
C GLY B 115 29.08 -9.68 4.53
N VAL B 116 28.25 -10.69 4.80
CA VAL B 116 28.66 -11.80 5.64
C VAL B 116 29.78 -12.65 5.02
N TYR B 117 30.02 -12.53 3.69
CA TYR B 117 31.15 -13.24 3.06
C TYR B 117 32.47 -12.45 3.13
N SER B 118 32.50 -11.27 3.78
CA SER B 118 33.75 -10.47 3.85
C SER B 118 34.82 -10.99 4.83
N GLY B 119 34.46 -11.94 5.68
CA GLY B 119 35.39 -12.44 6.68
C GLY B 119 35.75 -11.37 7.71
N GLY B 120 34.82 -10.46 7.97
CA GLY B 120 35.01 -9.38 8.95
C GLY B 120 35.91 -8.25 8.49
N LYS B 121 36.18 -8.14 7.19
CA LYS B 121 37.06 -7.11 6.66
C LYS B 121 36.28 -6.10 5.78
N ASP B 122 36.74 -4.84 5.68
CA ASP B 122 36.11 -3.84 4.80
C ASP B 122 36.63 -4.12 3.40
N ARG B 123 35.75 -4.58 2.48
CA ARG B 123 36.15 -4.96 1.12
C ARG B 123 35.57 -4.08 0.03
N LEU B 124 35.15 -2.86 0.37
CA LEU B 124 34.56 -1.93 -0.61
C LEU B 124 35.48 -1.72 -1.81
N THR B 125 36.74 -1.29 -1.58
CA THR B 125 37.66 -0.98 -2.68
C THR B 125 38.00 -2.23 -3.49
N GLN B 126 38.24 -3.34 -2.82
CA GLN B 126 38.54 -4.61 -3.50
C GLN B 126 37.39 -5.03 -4.41
N SER B 127 36.16 -5.07 -3.88
CA SER B 127 35.00 -5.52 -4.66
C SER B 127 34.65 -4.56 -5.81
N LEU B 128 34.68 -3.26 -5.55
CA LEU B 128 34.40 -2.26 -6.59
C LEU B 128 35.46 -2.30 -7.69
N ASN B 129 36.71 -2.52 -7.31
CA ASN B 129 37.79 -2.64 -8.30
C ASN B 129 37.54 -3.79 -9.26
N HIS B 130 37.14 -4.96 -8.73
CA HIS B 130 36.86 -6.12 -9.58
C HIS B 130 35.59 -5.90 -10.43
N LEU B 131 34.62 -5.15 -9.88
CA LEU B 131 33.38 -4.82 -10.58
C LEU B 131 33.76 -3.98 -11.85
N PHE B 132 34.52 -2.91 -11.66
CA PHE B 132 34.98 -2.06 -12.78
C PHE B 132 35.80 -2.87 -13.79
N THR B 133 36.75 -3.71 -13.32
CA THR B 133 37.60 -4.51 -14.22
C THR B 133 36.76 -5.37 -15.17
N ALA B 134 35.68 -5.99 -14.65
CA ALA B 134 34.79 -6.78 -15.48
C ALA B 134 33.81 -5.94 -16.34
N MET B 135 33.15 -4.93 -15.72
CA MET B 135 32.07 -4.19 -16.40
C MET B 135 32.52 -3.06 -17.32
N ASP B 136 33.77 -2.59 -17.22
CA ASP B 136 34.24 -1.46 -18.04
C ASP B 136 34.09 -1.70 -19.54
N SER B 137 34.27 -2.95 -20.00
CA SER B 137 34.16 -3.24 -21.43
C SER B 137 32.73 -3.48 -21.91
N THR B 138 31.73 -3.47 -21.01
CA THR B 138 30.31 -3.62 -21.38
C THR B 138 29.70 -2.24 -21.68
N ASP B 139 28.60 -2.20 -22.46
CA ASP B 139 27.97 -0.91 -22.75
C ASP B 139 26.63 -0.71 -22.01
N ALA B 140 26.32 -1.54 -21.02
CA ALA B 140 25.10 -1.39 -20.23
C ALA B 140 25.27 -0.26 -19.21
N ASP B 141 24.17 0.44 -18.85
CA ASP B 141 24.21 1.39 -17.76
C ASP B 141 24.26 0.53 -16.48
N VAL B 142 25.29 0.72 -15.66
CA VAL B 142 25.45 -0.08 -14.45
C VAL B 142 24.99 0.75 -13.25
N VAL B 143 24.09 0.19 -12.40
CA VAL B 143 23.65 0.89 -11.20
C VAL B 143 24.06 0.04 -10.01
N ILE B 144 25.01 0.53 -9.22
CA ILE B 144 25.52 -0.17 -8.04
C ILE B 144 24.63 0.15 -6.85
N TYR B 145 24.19 -0.88 -6.12
CA TYR B 145 23.32 -0.67 -4.97
C TYR B 145 24.09 -0.90 -3.68
N CYS B 146 23.86 -0.08 -2.66
CA CYS B 146 24.47 -0.24 -1.34
C CYS B 146 23.45 0.19 -0.27
N ARG B 147 23.74 -0.05 1.02
CA ARG B 147 22.79 0.37 2.07
C ARG B 147 23.36 1.42 3.03
N ASP B 148 24.69 1.48 3.15
CA ASP B 148 25.36 2.38 4.08
C ASP B 148 25.67 3.75 3.48
N LYS B 149 25.42 4.84 4.25
CA LYS B 149 25.63 6.21 3.79
C LYS B 149 27.09 6.52 3.46
N GLU B 150 28.04 6.04 4.29
CA GLU B 150 29.46 6.29 4.04
C GLU B 150 29.94 5.49 2.83
N TRP B 151 29.40 4.27 2.64
CA TRP B 151 29.76 3.46 1.46
C TRP B 151 29.23 4.13 0.20
N GLU B 152 28.01 4.69 0.23
CA GLU B 152 27.45 5.43 -0.92
C GLU B 152 28.37 6.57 -1.35
N LYS B 153 28.86 7.35 -0.39
CA LYS B 153 29.77 8.48 -0.64
C LYS B 153 31.08 7.98 -1.27
N LYS B 154 31.70 6.91 -0.73
CA LYS B 154 32.96 6.39 -1.28
C LYS B 154 32.79 5.76 -2.68
N ILE B 155 31.67 5.06 -2.94
CA ILE B 155 31.43 4.50 -4.28
C ILE B 155 31.21 5.67 -5.26
N SER B 156 30.42 6.68 -4.85
CA SER B 156 30.18 7.84 -5.71
C SER B 156 31.50 8.57 -6.05
N GLU B 157 32.38 8.73 -5.06
CA GLU B 157 33.69 9.39 -5.28
C GLU B 157 34.52 8.57 -6.26
N ALA B 158 34.55 7.24 -6.11
CA ALA B 158 35.31 6.38 -7.00
C ALA B 158 34.78 6.47 -8.42
N ILE B 159 33.46 6.54 -8.62
CA ILE B 159 32.90 6.67 -9.97
C ILE B 159 33.31 8.00 -10.59
N GLN B 160 33.11 9.11 -9.86
CA GLN B 160 33.41 10.44 -10.37
C GLN B 160 34.89 10.68 -10.68
N MET B 161 35.78 10.08 -9.88
CA MET B 161 37.24 10.24 -10.04
C MET B 161 37.76 9.75 -11.39
N ARG B 162 37.06 8.80 -12.03
CA ARG B 162 37.55 8.22 -13.27
C ARG B 162 37.20 8.99 -14.52
N THR B 163 36.29 9.98 -14.47
CA THR B 163 35.95 10.75 -15.67
C THR B 163 36.37 12.21 -15.59
N GLY C 1 -7.06 26.09 7.93
CA GLY C 1 -7.81 25.29 6.97
C GLY C 1 -8.80 26.10 6.17
N ALA C 2 -9.23 25.57 5.02
CA ALA C 2 -10.21 26.28 4.18
C ALA C 2 -11.57 26.30 4.88
N MET C 3 -12.37 27.36 4.68
CA MET C 3 -13.69 27.47 5.32
C MET C 3 -14.69 26.38 4.89
N ALA C 4 -14.60 25.93 3.63
CA ALA C 4 -15.46 24.87 3.10
C ALA C 4 -14.52 24.02 2.24
N PRO C 5 -13.73 23.13 2.88
CA PRO C 5 -12.74 22.34 2.12
C PRO C 5 -13.30 21.66 0.87
N SER C 6 -12.62 21.84 -0.27
CA SER C 6 -13.12 21.31 -1.54
C SER C 6 -12.04 20.55 -2.33
N TYR C 7 -12.49 19.86 -3.40
CA TYR C 7 -11.63 19.25 -4.42
C TYR C 7 -11.95 19.93 -5.75
N ARG C 8 -10.92 20.23 -6.53
CA ARG C 8 -11.07 20.79 -7.87
C ARG C 8 -10.05 20.12 -8.80
N VAL C 9 -10.29 20.15 -10.10
CA VAL C 9 -9.32 19.63 -11.06
C VAL C 9 -9.01 20.71 -12.11
N LYS C 10 -7.74 20.83 -12.50
CA LYS C 10 -7.31 21.78 -13.53
C LYS C 10 -6.43 21.08 -14.53
N ARG C 11 -6.62 21.39 -15.82
CA ARG C 11 -5.82 20.82 -16.90
C ARG C 11 -4.77 21.86 -17.28
N MET C 12 -3.60 21.79 -16.63
CA MET C 12 -2.51 22.73 -16.87
C MET C 12 -1.23 22.25 -16.15
N ASP C 13 -0.12 22.95 -16.39
CA ASP C 13 1.17 22.67 -15.79
C ASP C 13 1.11 22.92 -14.29
N ILE C 14 1.43 21.89 -13.50
CA ILE C 14 1.45 22.02 -12.03
C ILE C 14 2.52 23.00 -11.55
N ALA C 15 3.58 23.23 -12.37
CA ALA C 15 4.60 24.22 -12.04
C ALA C 15 4.05 25.66 -12.04
N LYS C 16 2.84 25.88 -12.59
N LYS C 16 2.85 25.88 -12.60
CA LYS C 16 2.23 27.20 -12.58
CA LYS C 16 2.23 27.20 -12.59
C LYS C 16 0.97 27.22 -11.70
C LYS C 16 0.97 27.22 -11.70
N ASN C 17 0.91 26.36 -10.67
CA ASN C 17 -0.23 26.29 -9.76
C ASN C 17 -0.47 27.59 -8.97
N ASP C 18 -1.71 27.78 -8.49
CA ASP C 18 -2.11 28.95 -7.69
C ASP C 18 -2.39 28.53 -6.23
N GLU C 19 -1.73 27.46 -5.74
CA GLU C 19 -1.93 26.97 -4.38
C GLU C 19 -0.76 27.29 -3.43
N GLU C 20 -0.94 27.06 -2.13
CA GLU C 20 0.09 27.41 -1.11
C GLU C 20 1.28 26.46 -1.05
N CYS C 21 1.15 25.29 -1.68
CA CYS C 21 2.24 24.32 -1.75
C CYS C 21 1.97 23.34 -2.89
N VAL C 22 3.00 22.59 -3.29
CA VAL C 22 2.89 21.65 -4.39
C VAL C 22 3.40 20.27 -3.98
N VAL C 23 2.81 19.22 -4.56
CA VAL C 23 3.27 17.86 -4.37
C VAL C 23 4.00 17.47 -5.65
N ASN C 24 5.26 17.06 -5.53
CA ASN C 24 6.05 16.60 -6.66
C ASN C 24 5.92 15.07 -6.75
N ALA C 25 5.72 14.52 -7.95
CA ALA C 25 5.67 13.06 -8.16
C ALA C 25 7.16 12.69 -8.30
N ALA C 26 7.80 12.52 -7.14
CA ALA C 26 9.25 12.37 -7.02
C ALA C 26 9.79 10.97 -7.20
N ASN C 27 11.13 10.83 -7.41
CA ASN C 27 11.77 9.52 -7.46
C ASN C 27 12.52 9.30 -6.11
N PRO C 28 12.84 8.03 -5.76
CA PRO C 28 13.52 7.77 -4.47
C PRO C 28 14.84 8.49 -4.16
N ARG C 29 15.66 8.82 -5.17
CA ARG C 29 16.97 9.43 -4.87
C ARG C 29 16.99 10.97 -5.05
N GLY C 30 15.85 11.59 -5.33
CA GLY C 30 15.75 13.04 -5.42
C GLY C 30 16.38 13.72 -6.61
N LEU C 31 16.35 13.05 -7.76
CA LEU C 31 16.92 13.54 -9.01
C LEU C 31 15.85 14.30 -9.83
N PRO C 32 16.27 15.15 -10.80
CA PRO C 32 15.29 15.86 -11.64
C PRO C 32 14.21 14.96 -12.28
N GLY C 33 14.57 13.74 -12.64
CA GLY C 33 13.63 12.78 -13.22
C GLY C 33 13.00 13.20 -14.54
N ASP C 34 11.72 12.82 -14.75
CA ASP C 34 10.97 13.12 -15.97
C ASP C 34 9.52 13.59 -15.65
N GLY C 35 8.79 14.02 -16.67
CA GLY C 35 7.40 14.45 -16.52
C GLY C 35 7.20 15.55 -15.51
N VAL C 36 6.26 15.35 -14.54
CA VAL C 36 5.96 16.32 -13.48
C VAL C 36 7.23 16.69 -12.71
N CYS C 37 8.03 15.66 -12.37
CA CYS C 37 9.26 15.84 -11.61
C CYS C 37 10.24 16.81 -12.27
N LYS C 38 10.44 16.69 -13.59
CA LYS C 38 11.33 17.58 -14.33
C LYS C 38 10.80 19.04 -14.37
N ALA C 39 9.48 19.19 -14.47
CA ALA C 39 8.86 20.53 -14.47
C ALA C 39 9.03 21.19 -13.09
N VAL C 40 8.88 20.38 -12.01
CA VAL C 40 9.05 20.83 -10.63
C VAL C 40 10.54 21.21 -10.41
N TYR C 41 11.47 20.43 -10.97
CA TYR C 41 12.90 20.72 -10.87
C TYR C 41 13.26 22.02 -11.55
N LYS C 42 12.65 22.33 -12.70
CA LYS C 42 12.96 23.59 -13.41
C LYS C 42 12.41 24.79 -12.65
N LYS C 43 11.24 24.65 -12.01
CA LYS C 43 10.59 25.73 -11.27
C LYS C 43 11.14 25.97 -9.85
N TRP C 44 11.40 24.88 -9.11
CA TRP C 44 11.88 24.96 -7.73
C TRP C 44 13.13 24.06 -7.53
N PRO C 45 14.26 24.35 -8.20
CA PRO C 45 15.43 23.46 -8.08
C PRO C 45 16.01 23.36 -6.66
N GLU C 46 15.91 24.45 -5.90
CA GLU C 46 16.42 24.55 -4.53
C GLU C 46 15.73 23.54 -3.61
N SER C 47 14.46 23.17 -3.91
CA SER C 47 13.75 22.17 -3.10
C SER C 47 14.29 20.74 -3.28
N PHE C 48 15.26 20.52 -4.18
CA PHE C 48 15.83 19.19 -4.40
C PHE C 48 17.09 18.92 -3.54
N LYS C 49 17.43 19.86 -2.61
CA LYS C 49 18.55 19.68 -1.69
C LYS C 49 18.13 18.64 -0.64
N ASN C 50 18.80 17.48 -0.62
CA ASN C 50 18.48 16.38 0.30
C ASN C 50 17.01 15.97 0.27
N SER C 51 16.42 15.90 -0.94
CA SER C 51 15.02 15.50 -1.10
C SER C 51 14.83 13.98 -1.24
N ALA C 52 15.90 13.18 -1.22
CA ALA C 52 15.79 11.73 -1.32
C ALA C 52 14.94 11.16 -0.18
N THR C 53 13.98 10.29 -0.52
CA THR C 53 13.07 9.66 0.45
C THR C 53 12.58 8.32 -0.16
N PRO C 54 12.38 7.26 0.66
CA PRO C 54 12.03 5.93 0.08
C PRO C 54 10.65 5.88 -0.56
N VAL C 55 10.38 4.82 -1.35
CA VAL C 55 9.03 4.60 -1.94
C VAL C 55 8.00 4.51 -0.81
N GLY C 56 6.83 5.10 -1.01
CA GLY C 56 5.76 5.10 -0.04
C GLY C 56 5.85 6.19 1.00
N THR C 57 6.80 7.14 0.85
CA THR C 57 6.99 8.23 1.80
C THR C 57 6.92 9.62 1.09
N ALA C 58 6.87 10.70 1.88
CA ALA C 58 6.90 12.07 1.37
C ALA C 58 7.91 12.88 2.20
N LYS C 59 8.66 13.78 1.56
CA LYS C 59 9.63 14.62 2.28
C LYS C 59 9.49 16.05 1.75
N THR C 60 9.26 17.01 2.64
CA THR C 60 9.08 18.41 2.21
C THR C 60 10.37 19.18 2.28
N VAL C 61 10.68 19.91 1.21
CA VAL C 61 11.82 20.81 1.18
C VAL C 61 11.31 22.17 0.68
N MET C 62 11.69 23.22 1.38
CA MET C 62 11.27 24.58 1.05
C MET C 62 12.10 25.15 -0.11
N CYS C 63 11.47 25.89 -1.01
CA CYS C 63 12.16 26.67 -2.03
C CYS C 63 11.83 28.09 -1.61
N GLY C 64 12.74 28.74 -0.87
CA GLY C 64 12.43 30.03 -0.25
C GLY C 64 11.50 29.74 0.91
N THR C 65 10.25 30.20 0.88
CA THR C 65 9.25 29.82 1.88
C THR C 65 8.14 28.92 1.23
N TYR C 66 8.28 28.54 -0.06
CA TYR C 66 7.25 27.77 -0.75
C TYR C 66 7.53 26.28 -0.58
N PRO C 67 6.61 25.52 0.07
CA PRO C 67 6.88 24.09 0.31
C PRO C 67 6.67 23.21 -0.90
N VAL C 68 7.64 22.32 -1.16
CA VAL C 68 7.54 21.31 -2.21
C VAL C 68 7.56 19.99 -1.46
N ILE C 69 6.46 19.24 -1.54
CA ILE C 69 6.32 17.94 -0.88
C ILE C 69 6.68 16.85 -1.88
N HIS C 70 7.88 16.26 -1.74
CA HIS C 70 8.32 15.22 -2.66
C HIS C 70 7.69 13.87 -2.25
N ALA C 71 6.69 13.40 -3.01
CA ALA C 71 5.98 12.14 -2.70
C ALA C 71 6.42 11.05 -3.65
N VAL C 72 6.91 9.93 -3.10
CA VAL C 72 7.42 8.84 -3.92
C VAL C 72 6.44 7.68 -4.04
N GLY C 73 5.72 7.63 -5.16
CA GLY C 73 4.83 6.52 -5.43
C GLY C 73 5.64 5.39 -6.03
N PRO C 74 5.09 4.17 -6.01
CA PRO C 74 5.81 3.04 -6.60
C PRO C 74 5.86 3.08 -8.14
N ASN C 75 6.91 2.50 -8.71
CA ASN C 75 6.97 2.36 -10.17
C ASN C 75 6.38 0.97 -10.43
N PHE C 76 5.19 0.90 -11.04
CA PHE C 76 4.52 -0.37 -11.32
C PHE C 76 5.23 -1.25 -12.36
N SER C 77 6.30 -0.73 -13.01
CA SER C 77 7.13 -1.59 -13.86
C SER C 77 7.95 -2.54 -12.95
N ASN C 78 8.28 -2.12 -11.71
CA ASN C 78 9.09 -2.88 -10.76
C ASN C 78 8.27 -3.60 -9.71
N TYR C 79 7.17 -2.99 -9.25
CA TYR C 79 6.33 -3.57 -8.20
C TYR C 79 5.23 -4.45 -8.77
N THR C 80 4.80 -5.44 -8.00
CA THR C 80 3.64 -6.25 -8.39
C THR C 80 2.39 -5.38 -8.12
N GLU C 81 1.22 -5.78 -8.64
CA GLU C 81 -0.01 -5.03 -8.37
C GLU C 81 -0.32 -4.97 -6.87
N SER C 82 -0.14 -6.07 -6.16
CA SER C 82 -0.41 -6.11 -4.72
C SER C 82 0.52 -5.18 -3.90
N GLU C 83 1.85 -5.31 -4.10
CA GLU C 83 2.80 -4.51 -3.33
C GLU C 83 2.73 -3.02 -3.69
N GLY C 84 2.55 -2.76 -4.98
CA GLY C 84 2.42 -1.40 -5.49
C GLY C 84 1.18 -0.71 -4.95
N ASP C 85 0.04 -1.45 -4.84
CA ASP C 85 -1.18 -0.85 -4.32
C ASP C 85 -0.97 -0.35 -2.88
N ARG C 86 -0.28 -1.15 -2.07
CA ARG C 86 0.03 -0.78 -0.70
C ARG C 86 0.98 0.44 -0.61
N GLU C 87 2.03 0.50 -1.45
CA GLU C 87 2.96 1.65 -1.43
C GLU C 87 2.30 2.94 -1.94
N LEU C 88 1.38 2.83 -2.90
CA LEU C 88 0.68 3.99 -3.46
C LEU C 88 -0.21 4.58 -2.39
N ALA C 89 -0.95 3.72 -1.66
CA ALA C 89 -1.79 4.21 -0.56
C ALA C 89 -0.95 4.93 0.51
N ALA C 90 0.21 4.36 0.85
CA ALA C 90 1.14 4.90 1.85
C ALA C 90 1.71 6.27 1.44
N ALA C 91 2.10 6.44 0.16
CA ALA C 91 2.62 7.74 -0.31
C ALA C 91 1.58 8.84 -0.11
N TYR C 92 0.30 8.56 -0.45
CA TYR C 92 -0.76 9.53 -0.25
C TYR C 92 -1.01 9.85 1.23
N ARG C 93 -0.95 8.84 2.11
N ARG C 93 -0.95 8.85 2.12
CA ARG C 93 -1.13 9.07 3.55
CA ARG C 93 -1.12 9.08 3.55
C ARG C 93 -0.01 10.02 4.07
C ARG C 93 -0.01 10.02 4.07
N GLU C 94 1.21 9.86 3.56
CA GLU C 94 2.32 10.72 3.96
C GLU C 94 2.14 12.15 3.41
N VAL C 95 1.51 12.31 2.22
CA VAL C 95 1.21 13.64 1.68
C VAL C 95 0.19 14.32 2.62
N ALA C 96 -0.85 13.59 3.06
CA ALA C 96 -1.85 14.16 3.98
C ALA C 96 -1.20 14.64 5.28
N LYS C 97 -0.26 13.84 5.86
CA LYS C 97 0.44 14.25 7.08
C LYS C 97 1.25 15.52 6.84
N GLU C 98 1.95 15.61 5.69
CA GLU C 98 2.79 16.81 5.39
C GLU C 98 1.97 18.07 5.18
N VAL C 99 0.86 17.95 4.43
CA VAL C 99 -0.05 19.07 4.22
C VAL C 99 -0.60 19.57 5.57
N THR C 100 -0.96 18.63 6.46
CA THR C 100 -1.49 19.02 7.78
C THR C 100 -0.39 19.71 8.62
N ARG C 101 0.81 19.11 8.65
CA ARG C 101 1.95 19.66 9.43
C ARG C 101 2.29 21.09 8.98
N LEU C 102 2.24 21.34 7.66
CA LEU C 102 2.55 22.67 7.11
C LEU C 102 1.51 23.76 7.47
N GLY C 103 0.28 23.37 7.79
CA GLY C 103 -0.77 24.32 8.12
C GLY C 103 -1.33 25.09 6.92
N VAL C 104 -1.01 24.63 5.68
CA VAL C 104 -1.49 25.29 4.46
C VAL C 104 -3.02 25.19 4.29
N ASN C 105 -3.61 26.17 3.58
CA ASN C 105 -5.04 26.19 3.26
C ASN C 105 -5.34 25.56 1.89
N SER C 106 -4.32 25.27 1.06
CA SER C 106 -4.50 24.67 -0.27
C SER C 106 -3.24 23.95 -0.71
N VAL C 107 -3.41 22.96 -1.60
CA VAL C 107 -2.30 22.17 -2.11
C VAL C 107 -2.58 21.77 -3.56
N ALA C 108 -1.53 21.81 -4.42
CA ALA C 108 -1.61 21.37 -5.82
C ALA C 108 -1.03 19.94 -5.85
N ILE C 109 -1.78 18.98 -6.38
N ILE C 109 -1.80 18.96 -6.35
CA ILE C 109 -1.33 17.58 -6.38
CA ILE C 109 -1.35 17.57 -6.36
C ILE C 109 -1.50 16.89 -7.73
C ILE C 109 -1.50 16.89 -7.72
N PRO C 110 -0.49 16.12 -8.16
CA PRO C 110 -0.67 15.32 -9.39
C PRO C 110 -1.16 13.87 -9.01
N LEU C 111 -1.63 13.08 -9.97
CA LEU C 111 -2.04 11.69 -9.66
C LEU C 111 -0.78 10.81 -9.67
N LEU C 112 -0.33 10.39 -8.47
CA LEU C 112 0.89 9.61 -8.34
C LEU C 112 0.79 8.27 -9.07
N SER C 113 1.93 7.83 -9.61
CA SER C 113 2.06 6.57 -10.31
C SER C 113 1.18 6.43 -11.58
N THR C 114 0.76 7.55 -12.20
CA THR C 114 -0.06 7.47 -13.43
C THR C 114 0.73 7.79 -14.73
N GLY C 115 1.98 8.22 -14.60
CA GLY C 115 2.79 8.55 -15.77
C GLY C 115 3.82 7.47 -16.09
N VAL C 116 5.11 7.85 -16.09
CA VAL C 116 6.15 6.88 -16.35
C VAL C 116 6.16 5.76 -15.28
N TYR C 117 5.62 6.00 -14.07
CA TYR C 117 5.55 4.94 -13.05
C TYR C 117 4.29 4.05 -13.16
N SER C 118 3.45 4.26 -14.18
CA SER C 118 2.20 3.47 -14.34
C SER C 118 2.38 2.04 -14.78
N GLY C 119 3.53 1.72 -15.33
CA GLY C 119 3.77 0.40 -15.89
C GLY C 119 2.95 0.11 -17.14
N GLY C 120 2.61 1.16 -17.88
CA GLY C 120 1.83 1.07 -19.10
C GLY C 120 0.34 0.79 -18.89
N LYS C 121 -0.17 0.98 -17.67
CA LYS C 121 -1.57 0.72 -17.37
C LYS C 121 -2.32 2.03 -17.03
N ASP C 122 -3.64 2.09 -17.29
CA ASP C 122 -4.43 3.28 -16.94
C ASP C 122 -4.74 3.17 -15.45
N ARG C 123 -4.17 4.06 -14.62
CA ARG C 123 -4.35 4.02 -13.18
C ARG C 123 -5.10 5.23 -12.62
N LEU C 124 -5.92 5.90 -13.45
CA LEU C 124 -6.66 7.09 -12.99
C LEU C 124 -7.52 6.80 -11.74
N THR C 125 -8.41 5.80 -11.83
CA THR C 125 -9.33 5.46 -10.75
C THR C 125 -8.57 4.97 -9.54
N GLN C 126 -7.57 4.10 -9.74
CA GLN C 126 -6.78 3.61 -8.59
C GLN C 126 -6.08 4.77 -7.84
N SER C 127 -5.38 5.64 -8.58
CA SER C 127 -4.61 6.72 -7.94
C SER C 127 -5.54 7.74 -7.28
N LEU C 128 -6.63 8.11 -7.97
CA LEU C 128 -7.62 9.05 -7.43
C LEU C 128 -8.29 8.51 -6.18
N ASN C 129 -8.67 7.20 -6.15
CA ASN C 129 -9.24 6.58 -4.97
C ASN C 129 -8.26 6.69 -3.79
N HIS C 130 -6.95 6.41 -4.00
CA HIS C 130 -5.98 6.51 -2.90
C HIS C 130 -5.82 7.98 -2.42
N LEU C 131 -5.95 8.92 -3.35
CA LEU C 131 -5.83 10.35 -3.07
C LEU C 131 -6.99 10.76 -2.13
N PHE C 132 -8.23 10.42 -2.50
CA PHE C 132 -9.42 10.70 -1.68
C PHE C 132 -9.33 10.01 -0.31
N THR C 133 -8.86 8.75 -0.23
CA THR C 133 -8.78 8.04 1.05
C THR C 133 -7.87 8.78 2.04
N ALA C 134 -6.76 9.32 1.55
CA ALA C 134 -5.82 10.07 2.38
C ALA C 134 -6.26 11.51 2.65
N MET C 135 -6.71 12.25 1.62
CA MET C 135 -7.01 13.68 1.76
C MET C 135 -8.38 14.05 2.31
N ASP C 136 -9.35 13.11 2.32
CA ASP C 136 -10.71 13.41 2.80
C ASP C 136 -10.73 13.95 4.25
N SER C 137 -9.83 13.45 5.12
CA SER C 137 -9.79 13.90 6.50
C SER C 137 -9.03 15.20 6.71
N THR C 138 -8.40 15.77 5.65
CA THR C 138 -7.72 17.07 5.73
C THR C 138 -8.68 18.21 5.44
N ASP C 139 -8.36 19.45 5.89
CA ASP C 139 -9.23 20.58 5.61
C ASP C 139 -8.64 21.56 4.57
N ALA C 140 -7.60 21.14 3.84
CA ALA C 140 -7.03 21.99 2.79
C ALA C 140 -7.84 21.89 1.52
N ASP C 141 -7.89 22.99 0.72
CA ASP C 141 -8.50 22.94 -0.60
C ASP C 141 -7.52 22.13 -1.48
N VAL C 142 -7.97 21.07 -2.13
CA VAL C 142 -7.09 20.23 -2.93
C VAL C 142 -7.33 20.53 -4.41
N VAL C 143 -6.28 20.80 -5.18
CA VAL C 143 -6.44 21.07 -6.61
C VAL C 143 -5.60 20.05 -7.36
N ILE C 144 -6.26 19.15 -8.07
CA ILE C 144 -5.60 18.07 -8.80
C ILE C 144 -5.23 18.56 -10.17
N TYR C 145 -3.96 18.35 -10.59
CA TYR C 145 -3.52 18.81 -11.90
C TYR C 145 -3.34 17.64 -12.85
N CYS C 146 -3.81 17.80 -14.09
CA CYS C 146 -3.66 16.78 -15.12
C CYS C 146 -3.32 17.47 -16.47
N ARG C 147 -2.98 16.69 -17.50
CA ARG C 147 -2.67 17.28 -18.81
C ARG C 147 -3.63 16.81 -19.92
N ASP C 148 -4.27 15.65 -19.74
CA ASP C 148 -5.16 15.07 -20.74
C ASP C 148 -6.62 15.51 -20.58
N LYS C 149 -7.29 15.87 -21.69
CA LYS C 149 -8.68 16.33 -21.69
C LYS C 149 -9.67 15.26 -21.18
N GLU C 150 -9.49 14.00 -21.59
CA GLU C 150 -10.38 12.93 -21.13
C GLU C 150 -10.17 12.64 -19.64
N TRP C 151 -8.92 12.74 -19.16
CA TRP C 151 -8.64 12.53 -17.75
C TRP C 151 -9.26 13.66 -16.92
N GLU C 152 -9.20 14.92 -17.41
CA GLU C 152 -9.85 16.04 -16.72
C GLU C 152 -11.35 15.79 -16.51
N LYS C 153 -12.04 15.32 -17.55
CA LYS C 153 -13.46 15.02 -17.49
C LYS C 153 -13.76 13.89 -16.48
N LYS C 154 -12.98 12.82 -16.49
CA LYS C 154 -13.16 11.69 -15.58
C LYS C 154 -12.89 12.04 -14.10
N ILE C 155 -11.85 12.83 -13.84
CA ILE C 155 -11.55 13.29 -12.48
C ILE C 155 -12.68 14.22 -12.00
N SER C 156 -13.13 15.13 -12.88
CA SER C 156 -14.20 16.05 -12.53
C SER C 156 -15.50 15.31 -12.19
N GLU C 157 -15.83 14.26 -12.97
CA GLU C 157 -17.03 13.45 -12.72
C GLU C 157 -16.91 12.76 -11.35
N ALA C 158 -15.75 12.21 -11.03
CA ALA C 158 -15.55 11.53 -9.76
C ALA C 158 -15.69 12.51 -8.58
N ILE C 159 -15.18 13.75 -8.72
CA ILE C 159 -15.32 14.74 -7.66
C ILE C 159 -16.80 15.10 -7.47
N GLN C 160 -17.51 15.41 -8.57
CA GLN C 160 -18.91 15.82 -8.48
C GLN C 160 -19.86 14.73 -8.00
N MET C 161 -19.57 13.45 -8.28
CA MET C 161 -20.39 12.31 -7.84
C MET C 161 -20.55 12.28 -6.31
N ARG C 162 -19.51 12.67 -5.57
CA ARG C 162 -19.53 12.62 -4.10
C ARG C 162 -20.20 13.82 -3.43
N THR C 163 -20.43 14.90 -4.17
CA THR C 163 -21.05 16.10 -3.60
C THR C 163 -22.58 16.02 -3.59
N PRO D 5 -24.02 21.71 34.76
CA PRO D 5 -24.46 20.69 33.78
C PRO D 5 -24.43 19.28 34.38
N SER D 6 -25.23 18.37 33.82
N SER D 6 -25.24 18.36 33.83
CA SER D 6 -25.27 16.98 34.29
CA SER D 6 -25.30 16.96 34.29
C SER D 6 -24.71 16.05 33.21
C SER D 6 -24.76 16.02 33.21
N TYR D 7 -24.21 14.86 33.60
CA TYR D 7 -23.65 13.93 32.62
C TYR D 7 -24.17 12.55 32.78
N ARG D 8 -24.50 11.92 31.66
CA ARG D 8 -24.96 10.53 31.62
C ARG D 8 -24.29 9.83 30.44
N VAL D 9 -24.22 8.51 30.47
CA VAL D 9 -23.69 7.75 29.34
C VAL D 9 -24.69 6.67 28.90
N LYS D 10 -24.84 6.48 27.59
CA LYS D 10 -25.71 5.43 27.06
C LYS D 10 -24.98 4.66 25.98
N ARG D 11 -25.15 3.32 25.97
CA ARG D 11 -24.56 2.44 25.00
C ARG D 11 -25.61 2.13 23.94
N MET D 12 -25.63 2.93 22.87
CA MET D 12 -26.60 2.77 21.78
C MET D 12 -26.26 3.71 20.62
N ASP D 13 -26.95 3.54 19.49
CA ASP D 13 -26.73 4.34 18.30
C ASP D 13 -27.19 5.78 18.58
N ILE D 14 -26.28 6.74 18.46
CA ILE D 14 -26.57 8.17 18.67
C ILE D 14 -27.65 8.69 17.71
N ALA D 15 -27.87 8.02 16.55
CA ALA D 15 -28.96 8.39 15.64
C ALA D 15 -30.35 8.17 16.27
N LYS D 16 -30.43 7.41 17.37
N LYS D 16 -30.43 7.41 17.37
CA LYS D 16 -31.68 7.17 18.07
CA LYS D 16 -31.69 7.16 18.07
C LYS D 16 -31.70 7.85 19.44
C LYS D 16 -31.70 7.85 19.43
N ASN D 17 -30.95 8.95 19.60
CA ASN D 17 -30.91 9.68 20.88
C ASN D 17 -32.26 10.26 21.30
N ASP D 18 -32.42 10.53 22.60
CA ASP D 18 -33.63 11.11 23.18
C ASP D 18 -33.34 12.55 23.68
N GLU D 19 -32.38 13.27 23.04
CA GLU D 19 -32.01 14.63 23.40
C GLU D 19 -32.50 15.67 22.39
N GLU D 20 -32.43 16.96 22.76
CA GLU D 20 -32.93 18.05 21.92
C GLU D 20 -32.08 18.40 20.71
N CYS D 21 -30.84 17.91 20.68
CA CYS D 21 -29.94 18.12 19.55
C CYS D 21 -28.82 17.06 19.60
N VAL D 22 -28.11 16.92 18.48
CA VAL D 22 -27.06 15.92 18.39
C VAL D 22 -25.77 16.55 17.88
N VAL D 23 -24.63 16.01 18.34
CA VAL D 23 -23.33 16.42 17.84
C VAL D 23 -22.85 15.29 16.90
N ASN D 24 -22.56 15.64 15.64
CA ASN D 24 -22.02 14.67 14.70
C ASN D 24 -20.47 14.68 14.82
N ALA D 25 -19.83 13.50 14.75
CA ALA D 25 -18.35 13.40 14.69
C ALA D 25 -18.07 13.50 13.20
N ALA D 26 -18.00 14.74 12.71
CA ALA D 26 -17.97 15.05 11.29
C ALA D 26 -16.57 15.02 10.65
N ASN D 27 -16.50 14.98 9.30
CA ASN D 27 -15.25 15.16 8.58
C ASN D 27 -15.27 16.62 8.03
N PRO D 28 -14.11 17.18 7.69
CA PRO D 28 -14.08 18.59 7.25
C PRO D 28 -14.83 18.89 5.97
N ARG D 29 -15.06 17.88 5.11
CA ARG D 29 -15.67 18.09 3.80
C ARG D 29 -17.19 17.89 3.73
N GLY D 30 -17.82 17.59 4.86
CA GLY D 30 -19.26 17.36 4.88
C GLY D 30 -19.67 16.11 4.12
N LEU D 31 -18.78 15.10 4.08
CA LEU D 31 -19.07 13.86 3.37
C LEU D 31 -19.81 12.86 4.30
N PRO D 32 -20.54 11.87 3.75
CA PRO D 32 -21.22 10.88 4.63
C PRO D 32 -20.30 10.14 5.63
N GLY D 33 -19.05 9.88 5.24
CA GLY D 33 -18.07 9.26 6.12
C GLY D 33 -18.38 7.86 6.61
N ASP D 34 -17.96 7.53 7.83
CA ASP D 34 -18.23 6.22 8.41
C ASP D 34 -18.52 6.33 9.94
N GLY D 35 -18.86 5.21 10.58
CA GLY D 35 -19.15 5.21 12.02
C GLY D 35 -20.32 6.10 12.37
N VAL D 36 -20.15 6.97 13.40
CA VAL D 36 -21.19 7.92 13.85
C VAL D 36 -21.66 8.79 12.68
N CYS D 37 -20.70 9.32 11.88
CA CYS D 37 -21.00 10.20 10.77
C CYS D 37 -21.96 9.58 9.75
N LYS D 38 -21.74 8.30 9.39
CA LYS D 38 -22.60 7.62 8.43
C LYS D 38 -24.02 7.39 9.01
N ALA D 39 -24.11 7.12 10.32
CA ALA D 39 -25.42 6.92 10.97
C ALA D 39 -26.17 8.24 11.01
N VAL D 40 -25.46 9.37 11.27
CA VAL D 40 -26.03 10.71 11.28
C VAL D 40 -26.50 11.08 9.86
N TYR D 41 -25.72 10.72 8.82
CA TYR D 41 -26.11 10.97 7.44
C TYR D 41 -27.38 10.20 7.05
N LYS D 42 -27.54 8.95 7.51
CA LYS D 42 -28.75 8.19 7.17
C LYS D 42 -29.99 8.76 7.87
N LYS D 43 -29.83 9.25 9.10
CA LYS D 43 -30.93 9.77 9.91
C LYS D 43 -31.32 11.22 9.59
N TRP D 44 -30.34 12.09 9.36
CA TRP D 44 -30.60 13.50 9.10
C TRP D 44 -29.80 13.94 7.83
N PRO D 45 -30.10 13.38 6.65
CA PRO D 45 -29.32 13.74 5.45
C PRO D 45 -29.38 15.22 5.08
N GLU D 46 -30.52 15.90 5.38
CA GLU D 46 -30.75 17.34 5.11
C GLU D 46 -29.77 18.24 5.86
N SER D 47 -29.27 17.78 7.03
CA SER D 47 -28.32 18.55 7.81
C SER D 47 -26.93 18.62 7.17
N PHE D 48 -26.68 17.88 6.06
CA PHE D 48 -25.37 17.93 5.42
C PHE D 48 -25.26 19.00 4.31
N LYS D 49 -26.30 19.85 4.16
CA LYS D 49 -26.25 20.93 3.17
C LYS D 49 -25.28 21.99 3.69
N ASN D 50 -24.16 22.22 2.99
CA ASN D 50 -23.13 23.19 3.39
C ASN D 50 -22.65 22.96 4.84
N SER D 51 -22.44 21.69 5.22
CA SER D 51 -21.95 21.38 6.56
C SER D 51 -20.40 21.32 6.64
N ALA D 52 -19.69 21.43 5.48
CA ALA D 52 -18.21 21.41 5.45
C ALA D 52 -17.68 22.55 6.33
N THR D 53 -16.67 22.26 7.17
CA THR D 53 -16.12 23.23 8.14
C THR D 53 -14.70 22.74 8.51
N PRO D 54 -13.77 23.64 8.90
CA PRO D 54 -12.40 23.18 9.16
C PRO D 54 -12.25 22.34 10.43
N VAL D 55 -11.11 21.65 10.55
CA VAL D 55 -10.78 20.88 11.77
C VAL D 55 -10.74 21.86 12.96
N GLY D 56 -11.26 21.41 14.10
CA GLY D 56 -11.29 22.24 15.31
C GLY D 56 -12.48 23.18 15.40
N THR D 57 -13.45 23.05 14.48
CA THR D 57 -14.64 23.90 14.47
C THR D 57 -15.94 23.07 14.54
N ALA D 58 -17.06 23.77 14.79
CA ALA D 58 -18.38 23.15 14.76
C ALA D 58 -19.32 24.02 13.92
N LYS D 59 -20.19 23.39 13.15
CA LYS D 59 -21.14 24.13 12.30
C LYS D 59 -22.49 23.46 12.47
N THR D 60 -23.52 24.21 12.87
CA THR D 60 -24.85 23.64 13.08
C THR D 60 -25.71 23.80 11.84
N VAL D 61 -26.36 22.71 11.41
CA VAL D 61 -27.31 22.75 10.30
C VAL D 61 -28.58 22.05 10.81
N MET D 62 -29.74 22.70 10.60
CA MET D 62 -31.02 22.15 11.03
C MET D 62 -31.54 21.06 10.09
N CYS D 63 -32.14 20.01 10.63
CA CYS D 63 -32.86 19.02 9.84
C CYS D 63 -34.30 19.22 10.35
N GLY D 64 -35.08 20.01 9.60
CA GLY D 64 -36.40 20.41 10.08
C GLY D 64 -36.16 21.44 11.16
N THR D 65 -36.56 21.17 12.41
CA THR D 65 -36.23 22.05 13.54
C THR D 65 -35.17 21.40 14.47
N TYR D 66 -34.64 20.21 14.12
CA TYR D 66 -33.72 19.47 14.97
C TYR D 66 -32.29 19.86 14.63
N PRO D 67 -31.52 20.44 15.60
CA PRO D 67 -30.15 20.88 15.27
C PRO D 67 -29.15 19.75 15.25
N VAL D 68 -28.33 19.71 14.19
CA VAL D 68 -27.22 18.77 14.06
C VAL D 68 -25.97 19.64 14.10
N ILE D 69 -25.16 19.49 15.14
CA ILE D 69 -23.92 20.25 15.32
C ILE D 69 -22.78 19.42 14.75
N HIS D 70 -22.29 19.77 13.56
CA HIS D 70 -21.19 19.01 12.96
C HIS D 70 -19.87 19.45 13.58
N ALA D 71 -19.25 18.61 14.41
CA ALA D 71 -18.00 18.95 15.08
C ALA D 71 -16.86 18.18 14.47
N VAL D 72 -15.83 18.91 13.97
CA VAL D 72 -14.72 18.24 13.29
C VAL D 72 -13.48 18.08 14.19
N GLY D 73 -13.28 16.88 14.70
CA GLY D 73 -12.09 16.57 15.49
C GLY D 73 -10.94 16.25 14.54
N PRO D 74 -9.70 16.36 15.03
CA PRO D 74 -8.55 16.06 14.17
C PRO D 74 -8.40 14.56 13.89
N ASN D 75 -7.81 14.23 12.74
CA ASN D 75 -7.46 12.84 12.46
C ASN D 75 -5.99 12.71 12.95
N PHE D 76 -5.78 11.93 14.02
CA PHE D 76 -4.45 11.75 14.60
C PHE D 76 -3.49 10.98 13.69
N SER D 77 -3.96 10.43 12.56
CA SER D 77 -3.05 9.86 11.56
C SER D 77 -2.31 11.03 10.83
N ASN D 78 -2.92 12.23 10.75
CA ASN D 78 -2.33 13.38 10.06
C ASN D 78 -1.67 14.38 11.01
N TYR D 79 -2.25 14.58 12.20
CA TYR D 79 -1.73 15.55 13.16
C TYR D 79 -0.73 14.92 14.12
N THR D 80 0.22 15.72 14.64
CA THR D 80 1.10 15.25 15.70
C THR D 80 0.25 15.18 17.00
N GLU D 81 0.77 14.52 18.07
CA GLU D 81 0.04 14.47 19.33
C GLU D 81 -0.20 15.88 19.89
N SER D 82 0.80 16.77 19.79
CA SER D 82 0.67 18.12 20.30
C SER D 82 -0.40 18.94 19.56
N GLU D 83 -0.30 19.00 18.21
CA GLU D 83 -1.25 19.81 17.43
C GLU D 83 -2.66 19.24 17.46
N GLY D 84 -2.76 17.91 17.45
CA GLY D 84 -4.04 17.21 17.52
C GLY D 84 -4.73 17.46 18.84
N ASP D 85 -3.96 17.48 19.96
CA ASP D 85 -4.56 17.73 21.29
C ASP D 85 -5.22 19.12 21.32
N ARG D 86 -4.58 20.12 20.69
CA ARG D 86 -5.10 21.49 20.62
C ARG D 86 -6.38 21.55 19.76
N GLU D 87 -6.40 20.85 18.61
CA GLU D 87 -7.60 20.85 17.73
C GLU D 87 -8.78 20.12 18.35
N LEU D 88 -8.49 19.05 19.13
CA LEU D 88 -9.53 18.28 19.81
C LEU D 88 -10.21 19.16 20.85
N ALA D 89 -9.42 19.90 21.63
CA ALA D 89 -9.93 20.85 22.62
C ALA D 89 -10.76 21.94 21.91
N ALA D 90 -10.28 22.44 20.75
CA ALA D 90 -11.00 23.49 20.02
C ALA D 90 -12.36 23.00 19.50
N ALA D 91 -12.43 21.77 18.96
CA ALA D 91 -13.70 21.23 18.45
C ALA D 91 -14.75 21.17 19.58
N TYR D 92 -14.36 20.67 20.77
CA TYR D 92 -15.29 20.61 21.89
C TYR D 92 -15.70 22.00 22.39
N ARG D 93 -14.76 22.96 22.44
N ARG D 93 -14.76 22.97 22.43
CA ARG D 93 -15.07 24.34 22.85
CA ARG D 93 -15.07 24.34 22.85
C ARG D 93 -16.12 24.95 21.91
C ARG D 93 -16.14 24.95 21.91
N GLU D 94 -16.01 24.67 20.61
CA GLU D 94 -16.98 25.18 19.63
C GLU D 94 -18.34 24.50 19.77
N VAL D 95 -18.37 23.22 20.18
CA VAL D 95 -19.62 22.51 20.47
C VAL D 95 -20.31 23.19 21.65
N ALA D 96 -19.56 23.50 22.73
CA ALA D 96 -20.12 24.15 23.92
C ALA D 96 -20.74 25.52 23.57
N LYS D 97 -20.06 26.31 22.71
CA LYS D 97 -20.61 27.60 22.27
C LYS D 97 -21.93 27.41 21.52
N GLU D 98 -21.99 26.42 20.61
CA GLU D 98 -23.19 26.13 19.82
C GLU D 98 -24.35 25.66 20.68
N VAL D 99 -24.10 24.77 21.63
CA VAL D 99 -25.12 24.27 22.57
C VAL D 99 -25.70 25.45 23.37
N THR D 100 -24.84 26.36 23.85
CA THR D 100 -25.28 27.52 24.60
C THR D 100 -26.14 28.47 23.71
N ARG D 101 -25.63 28.77 22.50
CA ARG D 101 -26.33 29.66 21.55
C ARG D 101 -27.72 29.11 21.20
N LEU D 102 -27.85 27.79 21.00
CA LEU D 102 -29.11 27.16 20.65
C LEU D 102 -30.16 27.19 21.77
N GLY D 103 -29.72 27.31 23.01
CA GLY D 103 -30.63 27.36 24.15
C GLY D 103 -31.27 26.04 24.53
N VAL D 104 -30.73 24.92 24.00
CA VAL D 104 -31.27 23.60 24.30
C VAL D 104 -31.06 23.16 25.75
N ASN D 105 -31.96 22.30 26.22
CA ASN D 105 -31.83 21.77 27.58
C ASN D 105 -30.98 20.51 27.63
N SER D 106 -30.77 19.82 26.49
CA SER D 106 -30.01 18.58 26.45
C SER D 106 -29.31 18.40 25.10
N VAL D 107 -28.24 17.61 25.10
CA VAL D 107 -27.45 17.36 23.90
C VAL D 107 -26.88 15.94 23.93
N ALA D 108 -26.92 15.25 22.78
CA ALA D 108 -26.35 13.91 22.60
C ALA D 108 -24.97 14.11 21.97
N ILE D 109 -23.91 13.56 22.58
N ILE D 109 -23.90 13.60 22.59
CA ILE D 109 -22.55 13.77 22.06
CA ILE D 109 -22.53 13.80 22.09
C ILE D 109 -21.73 12.49 22.00
C ILE D 109 -21.73 12.51 21.99
N PRO D 110 -20.99 12.28 20.89
CA PRO D 110 -20.10 11.11 20.82
C PRO D 110 -18.66 11.52 21.26
N LEU D 111 -17.75 10.54 21.47
CA LEU D 111 -16.37 10.91 21.84
C LEU D 111 -15.57 11.17 20.56
N LEU D 112 -15.31 12.45 20.27
CA LEU D 112 -14.60 12.86 19.06
C LEU D 112 -13.19 12.26 18.98
N SER D 113 -12.77 11.95 17.75
CA SER D 113 -11.44 11.41 17.43
C SER D 113 -11.11 10.06 18.11
N THR D 114 -12.14 9.28 18.48
CA THR D 114 -11.89 7.96 19.11
C THR D 114 -12.08 6.77 18.17
N GLY D 115 -12.63 7.00 16.98
CA GLY D 115 -12.86 5.97 15.99
C GLY D 115 -11.75 5.91 14.96
N VAL D 116 -12.10 6.02 13.67
CA VAL D 116 -11.07 5.99 12.61
C VAL D 116 -10.11 7.20 12.68
N TYR D 117 -10.47 8.27 13.38
CA TYR D 117 -9.55 9.43 13.54
C TYR D 117 -8.59 9.28 14.75
N SER D 118 -8.63 8.12 15.45
CA SER D 118 -7.76 7.92 16.62
C SER D 118 -6.29 7.64 16.30
N GLY D 119 -5.98 7.34 15.04
CA GLY D 119 -4.60 7.01 14.66
C GLY D 119 -4.15 5.69 15.27
N GLY D 120 -5.11 4.79 15.51
CA GLY D 120 -4.85 3.47 16.09
C GLY D 120 -4.59 3.45 17.58
N LYS D 121 -4.87 4.55 18.28
CA LYS D 121 -4.62 4.67 19.71
C LYS D 121 -5.93 4.72 20.52
N ASP D 122 -5.90 4.26 21.79
CA ASP D 122 -7.10 4.33 22.65
C ASP D 122 -7.13 5.75 23.19
N ARG D 123 -8.13 6.55 22.79
CA ARG D 123 -8.24 7.95 23.20
C ARG D 123 -9.43 8.26 24.07
N LEU D 124 -10.00 7.25 24.76
CA LEU D 124 -11.19 7.47 25.61
C LEU D 124 -10.96 8.58 26.64
N THR D 125 -9.92 8.45 27.46
CA THR D 125 -9.61 9.39 28.53
C THR D 125 -9.31 10.78 27.97
N GLN D 126 -8.49 10.87 26.93
CA GLN D 126 -8.15 12.15 26.31
C GLN D 126 -9.41 12.87 25.78
N SER D 127 -10.23 12.16 24.99
CA SER D 127 -11.43 12.79 24.40
C SER D 127 -12.47 13.18 25.46
N LEU D 128 -12.69 12.30 26.43
CA LEU D 128 -13.61 12.57 27.52
C LEU D 128 -13.15 13.75 28.36
N ASN D 129 -11.80 13.87 28.61
CA ASN D 129 -11.28 15.01 29.39
C ASN D 129 -11.54 16.36 28.71
N HIS D 130 -11.33 16.45 27.39
CA HIS D 130 -11.65 17.67 26.62
C HIS D 130 -13.19 17.92 26.60
N LEU D 131 -13.98 16.85 26.53
CA LEU D 131 -15.45 16.98 26.56
C LEU D 131 -15.89 17.66 27.89
N PHE D 132 -15.48 17.12 29.06
CA PHE D 132 -15.84 17.71 30.36
C PHE D 132 -15.38 19.18 30.45
N THR D 133 -14.13 19.48 30.05
CA THR D 133 -13.60 20.85 30.13
C THR D 133 -14.47 21.86 29.37
N ALA D 134 -14.86 21.49 28.13
CA ALA D 134 -15.70 22.38 27.33
C ALA D 134 -17.16 22.43 27.83
N MET D 135 -17.79 21.28 28.05
CA MET D 135 -19.22 21.22 28.40
C MET D 135 -19.53 21.71 29.83
N ASP D 136 -18.53 21.75 30.72
CA ASP D 136 -18.75 22.31 32.06
C ASP D 136 -19.14 23.79 32.02
N SER D 137 -18.93 24.48 30.87
CA SER D 137 -19.32 25.88 30.72
C SER D 137 -20.80 26.03 30.32
N THR D 138 -21.49 24.94 29.95
CA THR D 138 -22.90 25.00 29.60
C THR D 138 -23.77 24.60 30.82
N ASP D 139 -25.08 24.74 30.72
CA ASP D 139 -25.98 24.22 31.75
C ASP D 139 -26.91 23.09 31.19
N ALA D 140 -26.56 22.53 30.03
CA ALA D 140 -27.37 21.49 29.41
C ALA D 140 -27.14 20.12 30.05
N ASP D 141 -28.12 19.22 29.89
CA ASP D 141 -27.97 17.84 30.30
C ASP D 141 -27.18 17.19 29.17
N VAL D 142 -26.01 16.63 29.46
CA VAL D 142 -25.16 16.04 28.43
C VAL D 142 -25.29 14.52 28.45
N VAL D 143 -25.58 13.89 27.30
CA VAL D 143 -25.68 12.44 27.24
C VAL D 143 -24.63 11.95 26.25
N ILE D 144 -23.62 11.22 26.76
CA ILE D 144 -22.52 10.70 25.95
C ILE D 144 -22.91 9.37 25.37
N TYR D 145 -22.73 9.17 24.05
CA TYR D 145 -23.09 7.90 23.43
C TYR D 145 -21.85 7.09 23.07
N CYS D 146 -21.90 5.79 23.32
CA CYS D 146 -20.81 4.89 22.95
C CYS D 146 -21.39 3.56 22.45
N ARG D 147 -20.57 2.65 21.91
CA ARG D 147 -21.09 1.36 21.44
C ARG D 147 -20.48 0.17 22.17
N ASP D 148 -19.30 0.33 22.76
CA ASP D 148 -18.58 -0.75 23.44
C ASP D 148 -18.94 -0.86 24.93
N LYS D 149 -19.16 -2.11 25.43
CA LYS D 149 -19.51 -2.33 26.84
C LYS D 149 -18.43 -1.88 27.83
N GLU D 150 -17.15 -2.14 27.51
CA GLU D 150 -16.06 -1.74 28.40
C GLU D 150 -15.89 -0.21 28.40
N TRP D 151 -16.12 0.44 27.24
CA TRP D 151 -16.06 1.91 27.16
C TRP D 151 -17.21 2.52 27.97
N GLU D 152 -18.42 1.93 27.93
CA GLU D 152 -19.55 2.40 28.74
C GLU D 152 -19.20 2.41 30.23
N LYS D 153 -18.61 1.32 30.73
CA LYS D 153 -18.21 1.18 32.11
C LYS D 153 -17.17 2.24 32.50
N LYS D 154 -16.16 2.45 31.65
CA LYS D 154 -15.11 3.45 31.87
C LYS D 154 -15.64 4.88 31.87
N ILE D 155 -16.52 5.23 30.92
CA ILE D 155 -17.11 6.56 30.88
C ILE D 155 -17.98 6.78 32.13
N SER D 156 -18.78 5.76 32.51
CA SER D 156 -19.62 5.87 33.69
C SER D 156 -18.77 6.08 34.97
N GLU D 157 -17.65 5.36 35.09
CA GLU D 157 -16.75 5.51 36.24
C GLU D 157 -16.16 6.93 36.26
N ALA D 158 -15.75 7.45 35.10
CA ALA D 158 -15.20 8.80 35.01
C ALA D 158 -16.22 9.86 35.39
N ILE D 159 -17.51 9.67 35.04
CA ILE D 159 -18.56 10.61 35.42
C ILE D 159 -18.73 10.58 36.96
N GLN D 160 -18.80 9.36 37.50
CA GLN D 160 -18.97 9.14 38.94
C GLN D 160 -17.84 9.76 39.79
N MET D 161 -16.60 9.63 39.35
CA MET D 161 -15.41 10.12 40.02
C MET D 161 -15.38 11.64 40.24
N ARG D 162 -16.03 12.40 39.35
CA ARG D 162 -16.09 13.86 39.43
C ARG D 162 -17.11 14.37 40.46
N THR D 163 -18.13 13.57 40.78
CA THR D 163 -19.16 13.97 41.72
C THR D 163 -18.64 13.96 43.17
S DMS E . 2.27 -6.60 5.18
O DMS E . 0.87 -6.74 4.65
C1 DMS E . 3.08 -5.22 4.32
C2 DMS E . 3.31 -7.88 4.46
S DMS F . -7.99 -23.44 6.04
O DMS F . -7.78 -22.14 6.74
C1 DMS F . -6.54 -24.14 5.23
C2 DMS F . -9.15 -23.38 4.67
S DMS G . -16.60 -6.11 -4.55
O DMS G . -15.52 -6.74 -5.36
C1 DMS G . -15.92 -5.77 -2.93
C2 DMS G . -17.74 -7.38 -3.91
S DMS H . -3.57 -25.42 1.08
O DMS H . -2.65 -24.81 2.08
C1 DMS H . -2.65 -25.65 -0.42
C2 DMS H . -4.62 -24.12 0.52
S DMS I . 3.68 -23.81 -16.27
O DMS I . 3.94 -22.44 -16.70
C1 DMS I . 5.31 -24.61 -16.13
C2 DMS I . 2.97 -24.90 -17.54
CL CL J . -7.16 -26.83 2.14
CL CL K . 1.27 -28.18 -2.95
CL CL L . 8.34 -18.41 -1.40
N1 A1BCG M . 4.37 -28.86 0.38
C4 A1BCG M . 3.06 -29.13 0.50
C5 A1BCG M . 2.15 -28.35 1.22
C6 A1BCG M . 2.63 -27.22 1.88
C7 A1BCG M . 3.98 -26.90 1.78
C8 A1BCG M . 0.72 -28.72 1.29
C10 A1BCG M . -1.03 -30.86 -0.94
C13 A1BCG M . 1.93 -33.83 -1.33
C15 A1BCG M . -0.31 -33.19 -0.63
O2 A1BCG M . -1.41 -33.42 -0.14
C14 A1BCG M . 0.74 -34.16 -0.78
C12 A1BCG M . 2.18 -32.52 -1.75
C11 A1BCG M . 1.22 -31.59 -1.62
N2 A1BCG M . 0.00 -31.91 -1.07
C9 A1BCG M . -0.93 -30.14 0.38
O1 A1BCG M . 0.46 -29.86 0.65
O A1BCG M . -0.12 -28.06 1.84
C1 A1BCG M . 4.83 -25.86 2.27
C A1BCG M . 4.44 -24.70 3.14
C3 A1BCG M . 4.78 -27.76 1.02
N A1BCG M . 6.05 -27.28 1.04
C2 A1BCG M . 6.09 -26.14 1.80
S DMS N . 9.96 -22.52 -3.55
O DMS N . 8.65 -22.78 -2.83
C1 DMS N . 10.15 -20.72 -3.67
C2 DMS N . 11.31 -22.79 -2.37
S DMS O . 25.81 -7.85 0.93
O DMS O . 25.90 -8.03 -0.58
C1 DMS O . 24.14 -7.44 1.45
C2 DMS O . 26.46 -6.23 1.40
S DMS P . 24.50 -14.47 1.30
O DMS P . 23.54 -15.51 0.84
C1 DMS P . 25.91 -14.49 0.14
C2 DMS P . 25.34 -15.32 2.65
S DMS Q . 28.83 -2.91 5.30
O DMS Q . 28.97 -3.57 3.95
C1 DMS Q . 28.88 -1.11 5.09
C2 DMS Q . 30.44 -2.97 6.12
CL CL R . 26.48 -1.31 2.10
CL CL S . 28.22 -11.06 1.06
S DMS T . 2.34 11.86 -13.16
O DMS T . 2.46 11.86 -11.67
C1 DMS T . 1.26 13.23 -13.64
C2 DMS T . 3.87 12.54 -13.86
CL CL U . -2.99 13.40 -17.43
CL CL V . 13.28 3.19 -1.74
CL CL W . 4.52 8.94 -12.48
S DMS X . 12.64 29.66 -12.86
O DMS X . 12.64 28.70 -11.69
C1 DMS X . 10.97 29.74 -13.53
C2 DMS X . 13.38 28.82 -14.28
S DMS Y . 8.82 9.89 -11.87
O DMS Y . 8.50 9.95 -10.41
C1 DMS Y . 10.32 10.86 -12.13
C2 DMS Y . 7.67 10.98 -12.73
S DMS Z . -4.33 -0.05 1.69
O DMS Z . -3.42 -0.39 0.54
C1 DMS Z . -3.34 0.30 3.18
C2 DMS Z . -5.04 -1.57 2.37
S DMS AA . -1.93 9.23 -19.07
O DMS AA . -2.93 10.07 -19.82
C1 DMS AA . -1.33 10.20 -17.66
C2 DMS AA . -0.36 9.23 -19.98
S DMS BA . -16.49 7.28 16.58
O DMS BA . -17.41 6.95 15.44
C1 DMS BA . -17.43 7.11 18.11
C2 DMS BA . -16.35 9.09 16.67
S DMS CA . -34.67 7.55 8.47
O DMS CA . -33.71 7.19 9.56
C1 DMS CA . -33.98 6.82 6.94
C2 DMS CA . -34.43 9.29 7.97
S DMS DA . -15.27 10.34 9.83
O DMS DA . -16.51 10.79 9.14
C1 DMS DA . -15.58 8.75 10.61
C2 DMS DA . -15.03 11.26 11.38
S DMS EA . -28.36 27.77 13.00
O DMS EA . -28.38 26.97 14.26
C1 DMS EA . -28.74 26.65 11.64
C2 DMS EA . -26.63 28.06 12.47
CL CL FA . -17.35 3.02 21.68
CL CL GA . -13.58 9.32 14.83
S DMS HA . -13.50 2.04 20.43
O DMS HA . -14.15 0.76 20.89
C1 DMS HA . -14.80 3.19 19.90
C2 DMS HA . -12.82 1.75 18.78
#